data_9KQ3
#
_entry.id   9KQ3
#
_cell.length_a   1.00
_cell.length_b   1.00
_cell.length_c   1.00
_cell.angle_alpha   90.00
_cell.angle_beta   90.00
_cell.angle_gamma   90.00
#
_symmetry.space_group_name_H-M   'P 1'
#
loop_
_entity.id
_entity.type
_entity.pdbx_description
1 polymer 'Succinate dehydrogenase [ubiquinone] flavoprotein subunit, mitochondrial'
2 polymer 'Succinate dehydrogenase [ubiquinone] iron-sulfur subunit, mitochondrial'
3 polymer Sdh3p
4 polymer 'Succinate dehydrogenase [ubiquinone] cytochrome b small subunit, mitochondrial'
5 non-polymer 'FLAVIN-ADENINE DINUCLEOTIDE'
6 non-polymer 'FE2/S2 (INORGANIC) CLUSTER'
7 non-polymer 'IRON/SULFUR CLUSTER'
8 non-polymer 'FE3-S4 CLUSTER'
9 non-polymer Pydiflumetofen
10 non-polymer 1,2-dioleoyl-sn-glycero-3-phosphoethanolamine
#
loop_
_entity_poly.entity_id
_entity_poly.type
_entity_poly.pdbx_seq_one_letter_code
_entity_poly.pdbx_strand_id
1 'polypeptide(L)'
;KYHIIDHEYDCVVIGAGGAGLRAAFGLAEAGYKTACISKLFPTRSHTVAAQGGINAALGNMHKDNWKWHMYDTVKGSDWL
GDQDSIHYMTREAPKSIIELEHYGVPFSRTENGKIYQRAFGGQTKEYGKGAQAYRTCAVADRTGHALLHTLYGQALRHDT
HFFIEYFALDLLTHNGEVVGVIAYNQEDGTIHRFRAHKTIIATGGYGRAYFSCTSAHTCTGDGNAMVSRAGFPLQDLEFV
QFHPSGIYGSGCLITEGARGEGGFLVNSEGERFMERYAPTAKDLACRDVVSRAITMEIREGRGVGKKKDHMYLQLSHLPP
EVLKERLPGISETAAIFAGVDVTKEPIPIIPTVHYNMGGIPTKWNGEALTIDEETGEDKVIPGLMACGEAACVSVHGANR
LGANSLLDLVVFGRAVAHTVADTLQPGLPHKPLPSDLGKESIANLDKLRNANGSRSTAEIRMNMKQTMQKDVSVFRTQSS
LDEGVRNITAVEKTFDDVKTTDRSMIWNSDLVETLELQNLLTCASQTAVSAANRKESRGAHAREDYPNRDDEHWMKHTLS
WQKDVAAPVTLKYRRVIDHTLDEKECPSVPPTVRAY
;
A
2 'polypeptide(L)'
;TPRLKTFKVYRWNPDEPSAKPHLQSYQVDLNDCGPMVLDALLKIKDEQDSTLTFRRSCREGICGSCAMNIGGRNTLACIC
KIDQNESKQLKIYPLPHMFIVKDLVPDLTNFYQQYKSIQPYLQRSSFPKDGTEVLQSIEDRKKLDGLYECILCACCSTSC
PSYWWNQEQYLGPAVLMQAYRWLIDSRDQATKTRKAMLNNSMSLYRCHTIMNCTRTCPKGLNPGLAIAEIKKSLAF
;
B
3 'polypeptide(L)'
;MNTKAAIAEEQILNKQRARRPISPHLTIYQPQLTWYLSSFHRISLVLMGLGFYLFTILFGVSGLLGLGLTTEKVSNWYHQ
KFSKITEWSIKGSFAYLFAIHYGGAIRHLIWDTAKELTLKGVYRTGYALIGFTAVLGTYLLTL
;
C
4 'polypeptide(L)'
;LPVLPQKPGGVRGTPNDAYVPPPENKLEGSYHWYMEKIFALSVVPLATTAMLTTGPLSTAADSFFSVMLLGYCYMEFNSC
ITDYISGRVYGVWHKYAMYMLGLGSAVSLFGIYKLETENDGVVGLVKSLWD
;
D
#
loop_
_chem_comp.id
_chem_comp.type
_chem_comp.name
_chem_comp.formula
A1EE4 non-polymer Pydiflumetofen 'C16 H16 Cl3 F2 N3 O2'
F3S non-polymer 'FE3-S4 CLUSTER' 'Fe3 S4'
FAD non-polymer 'FLAVIN-ADENINE DINUCLEOTIDE' 'C27 H33 N9 O15 P2'
FES non-polymer 'FE2/S2 (INORGANIC) CLUSTER' 'Fe2 S2'
PEE non-polymer 1,2-dioleoyl-sn-glycero-3-phosphoethanolamine 'C41 H78 N O8 P'
SF4 non-polymer 'IRON/SULFUR CLUSTER' 'Fe4 S4'
#
# COMPACT_ATOMS: atom_id res chain seq x y z
N LYS A 1 -20.27 -11.51 -28.07
CA LYS A 1 -19.08 -12.27 -28.41
C LYS A 1 -17.82 -11.55 -27.96
N TYR A 2 -16.91 -12.29 -27.34
CA TYR A 2 -15.66 -11.75 -26.81
C TYR A 2 -14.53 -12.10 -27.75
N HIS A 3 -13.44 -11.35 -27.68
CA HIS A 3 -12.25 -11.63 -28.47
C HIS A 3 -11.10 -12.00 -27.54
N ILE A 4 -10.51 -13.16 -27.78
CA ILE A 4 -9.52 -13.75 -26.89
C ILE A 4 -8.14 -13.32 -27.35
N ILE A 5 -7.21 -13.19 -26.40
CA ILE A 5 -5.82 -12.84 -26.66
C ILE A 5 -4.95 -13.96 -26.12
N ASP A 6 -4.01 -14.44 -26.93
CA ASP A 6 -3.16 -15.56 -26.54
C ASP A 6 -1.80 -15.10 -26.04
N HIS A 7 -1.33 -15.72 -24.98
CA HIS A 7 0.02 -15.52 -24.47
C HIS A 7 0.71 -16.87 -24.42
N GLU A 8 2.01 -16.86 -24.16
CA GLU A 8 2.78 -18.11 -24.18
C GLU A 8 4.02 -17.94 -23.32
N TYR A 9 4.06 -18.62 -22.19
CA TYR A 9 5.15 -18.47 -21.24
C TYR A 9 5.76 -19.81 -20.89
N ASP A 10 6.64 -19.84 -19.89
CA ASP A 10 7.19 -21.07 -19.34
C ASP A 10 6.54 -21.47 -18.03
N CYS A 11 6.50 -20.56 -17.06
CA CYS A 11 5.90 -20.82 -15.75
C CYS A 11 5.01 -19.63 -15.39
N VAL A 12 3.73 -19.89 -15.15
CA VAL A 12 2.78 -18.85 -14.79
C VAL A 12 2.47 -18.97 -13.31
N VAL A 13 2.74 -17.92 -12.55
CA VAL A 13 2.45 -17.84 -11.12
C VAL A 13 1.18 -17.04 -10.93
N ILE A 14 0.22 -17.59 -10.21
CA ILE A 14 -1.06 -16.93 -9.95
C ILE A 14 -1.03 -16.43 -8.51
N GLY A 15 -0.85 -15.13 -8.34
CA GLY A 15 -0.80 -14.54 -7.02
C GLY A 15 0.49 -13.80 -6.77
N ALA A 16 0.41 -12.69 -6.05
CA ALA A 16 1.58 -11.86 -5.78
C ALA A 16 1.65 -11.48 -4.32
N GLY A 17 1.48 -12.45 -3.44
CA GLY A 17 1.53 -12.18 -2.01
C GLY A 17 2.94 -12.28 -1.48
N GLY A 18 3.12 -13.08 -0.43
CA GLY A 18 4.45 -13.30 0.10
C GLY A 18 5.14 -14.53 -0.43
N ALA A 19 4.37 -15.54 -0.84
CA ALA A 19 4.93 -16.76 -1.42
C ALA A 19 4.72 -16.85 -2.92
N GLY A 20 4.04 -15.89 -3.53
CA GLY A 20 3.98 -15.81 -4.97
C GLY A 20 5.03 -14.86 -5.49
N LEU A 21 5.46 -13.94 -4.62
CA LEU A 21 6.53 -13.02 -5.00
C LEU A 21 7.89 -13.65 -4.81
N ARG A 22 8.03 -14.55 -3.83
CA ARG A 22 9.31 -15.22 -3.63
C ARG A 22 9.57 -16.26 -4.71
N ALA A 23 8.52 -16.89 -5.23
CA ALA A 23 8.68 -17.85 -6.31
C ALA A 23 8.62 -17.21 -7.69
N ALA A 24 8.44 -15.89 -7.77
CA ALA A 24 8.42 -15.22 -9.07
C ALA A 24 9.83 -14.83 -9.51
N PHE A 25 10.61 -14.20 -8.63
CA PHE A 25 12.00 -13.91 -8.98
C PHE A 25 12.95 -15.03 -8.62
N GLY A 26 12.46 -16.11 -8.03
CA GLY A 26 13.27 -17.31 -7.91
C GLY A 26 13.40 -18.07 -9.21
N LEU A 27 12.41 -17.94 -10.09
CA LEU A 27 12.43 -18.60 -11.39
C LEU A 27 12.91 -17.70 -12.50
N ALA A 28 12.66 -16.41 -12.42
CA ALA A 28 13.16 -15.46 -13.42
C ALA A 28 14.63 -15.16 -13.24
N GLU A 29 15.24 -15.59 -12.14
CA GLU A 29 16.68 -15.49 -11.94
C GLU A 29 17.41 -16.71 -12.48
N ALA A 30 16.78 -17.88 -12.43
CA ALA A 30 17.41 -19.10 -12.90
C ALA A 30 17.49 -19.16 -14.42
N GLY A 31 16.69 -18.37 -15.13
CA GLY A 31 16.80 -18.32 -16.57
C GLY A 31 15.52 -18.66 -17.31
N TYR A 32 14.38 -18.51 -16.63
CA TYR A 32 13.10 -18.85 -17.23
C TYR A 32 12.35 -17.58 -17.65
N LYS A 33 11.15 -17.77 -18.18
CA LYS A 33 10.29 -16.70 -18.65
C LYS A 33 8.97 -16.81 -17.89
N THR A 34 8.81 -16.00 -16.86
CA THR A 34 7.70 -16.14 -15.93
C THR A 34 6.70 -15.00 -16.09
N ALA A 35 5.58 -15.13 -15.38
CA ALA A 35 4.56 -14.11 -15.31
C ALA A 35 3.86 -14.26 -13.97
N CYS A 36 3.46 -13.12 -13.39
CA CYS A 36 2.92 -13.13 -12.04
C CYS A 36 1.57 -12.43 -12.07
N ILE A 37 0.52 -13.18 -12.36
CA ILE A 37 -0.83 -12.64 -12.48
C ILE A 37 -1.36 -12.32 -11.09
N SER A 38 -1.82 -11.08 -10.90
CA SER A 38 -2.34 -10.65 -9.61
C SER A 38 -3.63 -9.86 -9.81
N LYS A 39 -4.48 -9.91 -8.80
CA LYS A 39 -5.74 -9.17 -8.79
C LYS A 39 -5.57 -7.78 -8.19
N LEU A 40 -4.64 -7.64 -7.26
CA LEU A 40 -4.26 -6.37 -6.67
C LEU A 40 -2.84 -6.00 -7.09
N PHE A 41 -2.44 -4.78 -6.74
CA PHE A 41 -1.03 -4.43 -6.79
C PHE A 41 -0.29 -5.28 -5.76
N PRO A 42 0.95 -5.70 -6.05
CA PRO A 42 1.65 -6.63 -5.16
C PRO A 42 1.85 -6.15 -3.72
N THR A 43 2.05 -4.86 -3.48
CA THR A 43 2.14 -4.37 -2.11
C THR A 43 0.78 -3.90 -1.59
N ARG A 44 -0.25 -4.74 -1.79
CA ARG A 44 -1.58 -4.48 -1.27
C ARG A 44 -2.19 -5.76 -0.71
N SER A 45 -1.44 -6.85 -0.66
CA SER A 45 -1.98 -8.17 -0.37
C SER A 45 -2.31 -8.31 1.12
N HIS A 46 -2.54 -9.52 1.57
CA HIS A 46 -2.95 -9.71 2.97
C HIS A 46 -1.73 -9.95 3.82
N THR A 47 -0.62 -10.21 3.16
CA THR A 47 0.63 -10.33 3.89
C THR A 47 1.30 -8.99 4.18
N VAL A 48 0.63 -7.87 3.94
CA VAL A 48 1.08 -6.58 4.45
C VAL A 48 0.57 -6.35 5.86
N ALA A 49 -0.36 -7.18 6.34
CA ALA A 49 -0.97 -6.99 7.64
C ALA A 49 -0.28 -7.77 8.74
N ALA A 50 0.75 -8.55 8.39
CA ALA A 50 1.41 -9.40 9.37
C ALA A 50 2.31 -8.56 10.28
N GLN A 51 2.21 -8.80 11.58
CA GLN A 51 2.87 -7.97 12.57
C GLN A 51 3.54 -8.78 13.68
N GLY A 52 3.85 -10.04 13.44
CA GLY A 52 4.55 -10.85 14.41
C GLY A 52 6.03 -10.96 14.12
N GLY A 53 6.48 -12.16 13.76
CA GLY A 53 7.87 -12.38 13.45
C GLY A 53 8.07 -13.53 12.48
N ILE A 54 9.33 -13.89 12.22
CA ILE A 54 9.66 -15.05 11.39
C ILE A 54 10.59 -15.91 12.22
N ASN A 55 10.09 -17.05 12.71
CA ASN A 55 10.85 -17.87 13.63
C ASN A 55 12.06 -18.50 12.97
N ALA A 56 13.21 -18.38 13.63
CA ALA A 56 14.47 -18.89 13.12
C ALA A 56 15.44 -19.06 14.28
N ALA A 57 16.38 -19.98 14.11
CA ALA A 57 17.30 -20.38 15.18
C ALA A 57 18.67 -19.75 15.01
N LEU A 58 18.71 -18.48 14.63
CA LEU A 58 19.91 -17.80 14.13
C LEU A 58 21.06 -17.71 15.12
N GLY A 59 20.80 -17.85 16.42
CA GLY A 59 21.90 -17.85 17.36
C GLY A 59 22.10 -16.61 18.20
N ASN A 60 21.75 -15.46 17.61
CA ASN A 60 22.00 -14.10 18.18
C ASN A 60 21.58 -13.92 19.63
N MET A 61 20.71 -14.78 20.16
CA MET A 61 20.40 -14.58 21.60
C MET A 61 20.41 -15.94 22.28
N HIS A 62 21.01 -16.02 23.46
CA HIS A 62 21.14 -17.34 24.15
C HIS A 62 21.71 -18.33 23.15
N LYS A 63 21.31 -19.59 23.26
CA LYS A 63 21.80 -20.65 22.34
C LYS A 63 20.59 -21.39 21.78
N ASP A 64 20.61 -21.75 20.49
CA ASP A 64 19.40 -22.36 19.91
C ASP A 64 19.80 -23.25 18.72
N ASN A 65 19.48 -24.55 18.79
CA ASN A 65 19.75 -25.43 17.62
C ASN A 65 18.43 -25.73 16.93
N TRP A 66 18.44 -25.88 15.60
CA TRP A 66 17.16 -26.01 14.93
C TRP A 66 16.42 -27.29 15.31
N LYS A 67 17.11 -28.25 15.92
CA LYS A 67 16.43 -29.47 16.35
C LYS A 67 15.52 -29.21 17.55
N TRP A 68 15.75 -28.14 18.29
CA TRP A 68 14.75 -27.82 19.34
C TRP A 68 13.57 -27.18 18.61
N HIS A 69 13.86 -26.41 17.58
CA HIS A 69 12.80 -25.74 16.86
C HIS A 69 11.87 -26.74 16.17
N MET A 70 12.39 -27.91 15.77
CA MET A 70 11.57 -28.89 15.07
C MET A 70 10.58 -29.57 16.01
N TYR A 71 11.02 -29.89 17.24
CA TYR A 71 10.16 -30.57 18.19
C TYR A 71 9.00 -29.69 18.64
N ASP A 72 9.20 -28.37 18.68
CA ASP A 72 8.13 -27.47 19.09
C ASP A 72 7.04 -27.33 18.02
N THR A 73 7.34 -27.70 16.78
CA THR A 73 6.37 -27.63 15.69
C THR A 73 5.54 -28.89 15.56
N VAL A 74 6.13 -30.06 15.82
CA VAL A 74 5.38 -31.30 15.82
C VAL A 74 4.51 -31.43 17.07
N LYS A 75 4.98 -31.02 18.23
CA LYS A 75 4.20 -31.04 19.47
C LYS A 75 3.03 -30.08 19.41
N GLY A 76 3.20 -28.92 18.80
CA GLY A 76 2.11 -27.98 18.62
C GLY A 76 1.24 -28.21 17.42
N SER A 77 1.16 -29.45 16.93
CA SER A 77 0.38 -29.80 15.76
C SER A 77 -0.41 -31.08 15.95
N ASP A 78 -0.39 -31.66 17.15
CA ASP A 78 -1.08 -32.91 17.51
C ASP A 78 -0.69 -34.08 16.61
N TRP A 79 0.56 -34.07 16.14
CA TRP A 79 1.18 -35.15 15.34
C TRP A 79 0.42 -35.44 14.06
N LEU A 80 -0.23 -34.42 13.49
CA LEU A 80 -0.83 -34.54 12.17
C LEU A 80 0.03 -33.97 11.06
N GLY A 81 1.04 -33.17 11.39
CA GLY A 81 1.97 -32.69 10.41
C GLY A 81 2.91 -33.79 9.96
N ASP A 82 3.23 -33.78 8.67
CA ASP A 82 4.18 -34.74 8.12
C ASP A 82 5.58 -34.41 8.61
N GLN A 83 6.25 -35.37 9.23
CA GLN A 83 7.53 -35.07 9.88
C GLN A 83 8.71 -35.25 8.94
N ASP A 84 8.60 -34.70 7.74
CA ASP A 84 9.75 -34.42 6.89
C ASP A 84 9.69 -33.04 6.26
N SER A 85 8.51 -32.44 6.12
CA SER A 85 8.42 -31.02 5.86
C SER A 85 8.67 -30.18 7.09
N ILE A 86 8.46 -30.75 8.28
CA ILE A 86 8.95 -30.11 9.50
C ILE A 86 10.47 -30.15 9.53
N HIS A 87 11.06 -31.29 9.16
CA HIS A 87 12.49 -31.43 9.11
C HIS A 87 13.13 -30.56 8.05
N TYR A 88 12.42 -30.28 6.96
CA TYR A 88 12.95 -29.44 5.90
C TYR A 88 12.75 -27.95 6.17
N MET A 89 11.68 -27.55 6.85
CA MET A 89 11.44 -26.14 7.07
C MET A 89 12.33 -25.57 8.18
N THR A 90 12.58 -26.32 9.24
CA THR A 90 13.39 -25.79 10.33
C THR A 90 14.88 -25.94 10.06
N ARG A 91 15.27 -26.82 9.14
CA ARG A 91 16.68 -26.93 8.79
C ARG A 91 17.12 -25.79 7.88
N GLU A 92 16.26 -25.36 6.96
CA GLU A 92 16.57 -24.28 6.05
C GLU A 92 16.03 -22.94 6.58
N ALA A 93 15.71 -22.88 7.86
CA ALA A 93 15.24 -21.66 8.51
C ALA A 93 16.34 -20.65 8.87
N PRO A 94 17.55 -21.02 9.34
CA PRO A 94 18.57 -19.97 9.51
C PRO A 94 19.10 -19.43 8.20
N LYS A 95 19.18 -20.25 7.16
CA LYS A 95 19.69 -19.83 5.86
C LYS A 95 18.74 -18.88 5.13
N SER A 96 17.46 -18.92 5.46
CA SER A 96 16.45 -18.16 4.71
C SER A 96 16.17 -16.79 5.30
N ILE A 97 16.69 -16.48 6.49
CA ILE A 97 16.54 -15.17 7.08
C ILE A 97 17.75 -14.29 6.81
N ILE A 98 18.94 -14.89 6.83
CA ILE A 98 20.17 -14.19 6.43
C ILE A 98 20.08 -13.76 4.98
N GLU A 99 19.50 -14.60 4.12
CA GLU A 99 19.24 -14.22 2.74
C GLU A 99 18.18 -13.14 2.63
N LEU A 100 17.27 -13.04 3.59
CA LEU A 100 16.30 -11.96 3.62
C LEU A 100 16.88 -10.66 4.13
N GLU A 101 17.96 -10.72 4.91
CA GLU A 101 18.62 -9.50 5.35
C GLU A 101 19.52 -8.92 4.27
N HIS A 102 20.03 -9.76 3.37
CA HIS A 102 20.87 -9.28 2.29
C HIS A 102 20.04 -8.63 1.17
N TYR A 103 18.75 -8.93 1.11
CA TYR A 103 17.90 -8.25 0.14
C TYR A 103 17.62 -6.81 0.55
N GLY A 104 17.62 -6.54 1.86
CA GLY A 104 17.41 -5.19 2.33
C GLY A 104 16.25 -5.03 3.29
N VAL A 105 15.82 -6.11 3.95
CA VAL A 105 14.77 -6.03 4.96
C VAL A 105 15.34 -5.35 6.19
N PRO A 106 14.84 -4.19 6.60
CA PRO A 106 15.48 -3.48 7.72
C PRO A 106 15.11 -4.08 9.06
N PHE A 107 16.00 -4.88 9.63
CA PHE A 107 15.70 -5.59 10.87
C PHE A 107 16.04 -4.72 12.08
N SER A 108 15.33 -4.97 13.18
CA SER A 108 15.70 -4.35 14.45
C SER A 108 17.02 -4.94 14.92
N ARG A 109 17.88 -4.10 15.48
CA ARG A 109 19.24 -4.52 15.79
C ARG A 109 19.51 -4.50 17.28
N THR A 110 20.54 -5.26 17.67
CA THR A 110 20.98 -5.42 19.04
C THR A 110 22.26 -4.65 19.28
N GLU A 111 22.85 -4.84 20.46
CA GLU A 111 23.91 -3.96 20.95
C GLU A 111 25.22 -4.17 20.19
N ASN A 112 25.50 -5.39 19.76
CA ASN A 112 26.70 -5.63 18.98
C ASN A 112 26.47 -5.54 17.48
N GLY A 113 25.22 -5.41 17.05
CA GLY A 113 24.89 -5.29 15.65
C GLY A 113 24.34 -6.53 14.99
N LYS A 114 23.49 -7.29 15.66
CA LYS A 114 22.87 -8.49 15.13
C LYS A 114 21.35 -8.34 15.20
N ILE A 115 20.63 -9.34 14.69
CA ILE A 115 19.18 -9.22 14.52
C ILE A 115 18.49 -9.43 15.87
N TYR A 116 17.45 -8.64 16.12
CA TYR A 116 16.70 -8.68 17.37
C TYR A 116 15.65 -9.77 17.33
N GLN A 117 15.55 -10.53 18.42
CA GLN A 117 14.63 -11.66 18.52
C GLN A 117 13.87 -11.57 19.84
N ARG A 118 12.54 -11.52 19.75
CA ARG A 118 11.65 -11.59 20.90
C ARG A 118 11.22 -13.04 21.14
N ALA A 119 10.20 -13.23 21.97
CA ALA A 119 9.69 -14.58 22.25
C ALA A 119 8.20 -14.66 21.99
N PHE A 120 7.79 -15.82 21.50
CA PHE A 120 6.36 -16.10 21.25
C PHE A 120 5.97 -17.33 22.07
N GLY A 121 4.71 -17.77 21.96
CA GLY A 121 4.16 -18.85 22.75
C GLY A 121 4.18 -20.17 22.01
N GLY A 122 4.54 -21.22 22.73
CA GLY A 122 4.70 -22.55 22.18
C GLY A 122 6.14 -22.96 22.01
N GLN A 123 7.02 -22.00 21.76
CA GLN A 123 8.43 -22.28 21.50
C GLN A 123 9.20 -22.24 22.81
N THR A 124 9.78 -23.37 23.18
CA THR A 124 10.56 -23.54 24.40
C THR A 124 11.97 -23.97 24.05
N LYS A 125 12.66 -24.38 25.10
CA LYS A 125 14.03 -24.89 24.92
C LYS A 125 14.18 -26.19 25.69
N GLU A 126 15.17 -26.97 25.35
CA GLU A 126 15.50 -28.27 25.97
C GLU A 126 14.34 -29.26 25.88
N TYR A 127 13.82 -29.38 24.65
CA TYR A 127 12.84 -30.41 24.24
C TYR A 127 11.55 -30.34 25.05
N GLY A 128 11.02 -29.13 25.22
CA GLY A 128 9.79 -28.95 25.96
C GLY A 128 9.95 -28.80 27.45
N LYS A 129 11.12 -29.15 28.00
CA LYS A 129 11.39 -29.04 29.43
C LYS A 129 12.45 -27.96 29.63
N GLY A 130 12.00 -26.72 29.72
CA GLY A 130 12.93 -25.62 29.87
C GLY A 130 12.18 -24.29 29.90
N ALA A 131 12.91 -23.24 29.54
CA ALA A 131 12.37 -21.89 29.56
C ALA A 131 11.90 -21.48 28.17
N GLN A 132 11.38 -20.26 28.07
CA GLN A 132 10.91 -19.71 26.81
C GLN A 132 12.10 -19.23 26.00
N ALA A 133 12.26 -19.78 24.80
CA ALA A 133 13.39 -19.40 23.96
C ALA A 133 13.05 -18.16 23.14
N TYR A 134 14.10 -17.42 22.79
CA TYR A 134 13.98 -16.17 22.03
C TYR A 134 14.35 -16.46 20.58
N ARG A 135 13.35 -16.83 19.78
CA ARG A 135 13.55 -17.05 18.35
C ARG A 135 12.36 -16.48 17.58
N THR A 136 12.43 -15.19 17.28
CA THR A 136 11.32 -14.64 16.48
C THR A 136 11.79 -13.75 15.33
N CYS A 137 12.98 -13.17 15.43
CA CYS A 137 13.68 -12.44 14.37
C CYS A 137 12.83 -11.34 13.72
N ALA A 138 12.38 -10.37 14.49
CA ALA A 138 11.33 -9.49 14.00
C ALA A 138 11.79 -8.05 14.06
N VAL A 139 11.22 -7.04 12.97
CA VAL A 139 11.24 -5.48 12.42
C VAL A 139 10.13 -4.66 13.08
N ALA A 140 10.22 -4.46 14.41
CA ALA A 140 9.16 -3.76 15.16
C ALA A 140 7.85 -4.52 14.95
N ASP A 141 6.75 -3.80 14.74
CA ASP A 141 5.44 -4.47 14.59
C ASP A 141 4.89 -4.23 13.19
N ARG A 142 5.75 -4.26 12.17
CA ARG A 142 5.33 -4.13 10.79
C ARG A 142 6.15 -5.10 9.95
N THR A 143 6.24 -6.37 10.40
CA THR A 143 7.10 -7.35 9.77
C THR A 143 6.61 -7.77 8.40
N GLY A 144 5.32 -7.98 8.25
CA GLY A 144 4.78 -8.32 6.95
C GLY A 144 4.77 -7.12 6.02
N HIS A 145 4.75 -5.92 6.59
CA HIS A 145 4.77 -4.71 5.79
C HIS A 145 6.12 -4.51 5.13
N ALA A 146 7.19 -4.60 5.91
CA ALA A 146 8.55 -4.44 5.40
C ALA A 146 9.07 -5.66 4.70
N LEU A 147 8.28 -6.72 4.56
CA LEU A 147 8.67 -7.92 3.84
C LEU A 147 8.20 -7.90 2.39
N LEU A 148 6.99 -7.40 2.13
CA LEU A 148 6.54 -7.20 0.75
C LEU A 148 7.37 -6.16 0.02
N HIS A 149 7.62 -5.02 0.67
CA HIS A 149 8.26 -3.89 0.00
C HIS A 149 9.73 -4.13 -0.29
N THR A 150 10.32 -5.17 0.29
CA THR A 150 11.64 -5.62 -0.13
C THR A 150 11.56 -6.69 -1.20
N LEU A 151 10.63 -7.64 -1.03
CA LEU A 151 10.48 -8.72 -2.00
C LEU A 151 9.89 -8.22 -3.31
N TYR A 152 9.08 -7.17 -3.28
CA TYR A 152 8.60 -6.60 -4.53
C TYR A 152 9.68 -5.80 -5.22
N GLY A 153 10.53 -5.11 -4.46
CA GLY A 153 11.63 -4.38 -5.06
C GLY A 153 12.68 -5.27 -5.68
N GLN A 154 12.98 -6.40 -5.05
CA GLN A 154 13.93 -7.35 -5.62
C GLN A 154 13.35 -8.06 -6.83
N ALA A 155 12.02 -8.16 -6.91
CA ALA A 155 11.37 -8.74 -8.08
C ALA A 155 11.44 -7.81 -9.29
N LEU A 156 11.72 -6.53 -9.10
CA LEU A 156 11.93 -5.60 -10.20
C LEU A 156 13.37 -5.58 -10.70
N ARG A 157 14.31 -6.13 -9.94
CA ARG A 157 15.70 -6.21 -10.39
C ARG A 157 15.82 -7.20 -11.53
N HIS A 158 15.21 -8.36 -11.39
CA HIS A 158 15.17 -9.35 -12.46
C HIS A 158 13.91 -9.14 -13.28
N ASP A 159 14.00 -9.45 -14.57
CA ASP A 159 12.90 -9.13 -15.48
C ASP A 159 11.75 -10.13 -15.31
N THR A 160 10.71 -9.72 -14.59
CA THR A 160 9.52 -10.53 -14.36
C THR A 160 8.33 -9.74 -14.88
N HIS A 161 7.52 -10.36 -15.72
CA HIS A 161 6.41 -9.66 -16.35
C HIS A 161 5.21 -9.71 -15.41
N PHE A 162 5.00 -8.63 -14.65
CA PHE A 162 3.85 -8.53 -13.77
C PHE A 162 2.62 -8.20 -14.59
N PHE A 163 1.52 -8.88 -14.29
CA PHE A 163 0.23 -8.65 -14.94
C PHE A 163 -0.76 -8.24 -13.85
N ILE A 164 -0.78 -6.96 -13.56
CA ILE A 164 -1.52 -6.41 -12.42
C ILE A 164 -2.97 -6.21 -12.83
N GLU A 165 -3.89 -6.54 -11.90
CA GLU A 165 -5.34 -6.44 -12.07
C GLU A 165 -5.84 -7.30 -13.22
N TYR A 166 -5.59 -8.61 -13.10
CA TYR A 166 -6.14 -9.64 -13.97
C TYR A 166 -6.79 -10.69 -13.10
N PHE A 167 -8.10 -10.86 -13.23
CA PHE A 167 -8.83 -11.84 -12.43
C PHE A 167 -8.79 -13.18 -13.15
N ALA A 168 -8.21 -14.18 -12.51
CA ALA A 168 -8.11 -15.51 -13.11
C ALA A 168 -9.38 -16.30 -12.86
N LEU A 169 -9.88 -16.97 -13.90
CA LEU A 169 -11.18 -17.62 -13.84
C LEU A 169 -11.09 -19.10 -13.53
N ASP A 170 -10.45 -19.90 -14.37
CA ASP A 170 -10.37 -21.35 -14.20
C ASP A 170 -9.02 -21.87 -14.70
N LEU A 171 -8.85 -23.19 -14.62
CA LEU A 171 -7.66 -23.87 -15.11
C LEU A 171 -7.93 -24.49 -16.47
N LEU A 172 -6.86 -24.66 -17.25
CA LEU A 172 -6.95 -25.28 -18.57
C LEU A 172 -6.37 -26.69 -18.49
N THR A 173 -7.24 -27.68 -18.66
CA THR A 173 -6.82 -29.08 -18.58
C THR A 173 -7.14 -29.79 -19.88
N HIS A 174 -6.19 -30.59 -20.37
CA HIS A 174 -6.39 -31.44 -21.53
C HIS A 174 -5.80 -32.81 -21.20
N ASN A 175 -6.67 -33.82 -21.09
CA ASN A 175 -6.36 -35.20 -20.75
C ASN A 175 -5.63 -35.33 -19.41
N GLY A 176 -6.13 -34.64 -18.39
CA GLY A 176 -5.63 -34.84 -17.05
C GLY A 176 -4.28 -34.22 -16.75
N GLU A 177 -4.01 -33.02 -17.26
CA GLU A 177 -2.81 -32.27 -16.90
C GLU A 177 -3.09 -30.79 -17.12
N VAL A 178 -2.48 -29.95 -16.30
CA VAL A 178 -2.74 -28.51 -16.34
C VAL A 178 -1.81 -27.87 -17.36
N VAL A 179 -2.38 -27.14 -18.32
CA VAL A 179 -1.60 -26.54 -19.41
C VAL A 179 -1.77 -25.02 -19.45
N GLY A 180 -2.27 -24.41 -18.39
CA GLY A 180 -2.32 -22.98 -18.31
C GLY A 180 -3.56 -22.50 -17.59
N VAL A 181 -3.77 -21.19 -17.64
CA VAL A 181 -4.84 -20.52 -16.89
C VAL A 181 -5.42 -19.39 -17.73
N ILE A 182 -6.76 -19.28 -17.73
CA ILE A 182 -7.48 -18.24 -18.45
C ILE A 182 -7.88 -17.14 -17.47
N ALA A 183 -7.63 -15.88 -17.86
CA ALA A 183 -7.81 -14.76 -16.95
C ALA A 183 -8.75 -13.74 -17.58
N TYR A 184 -8.99 -12.65 -16.85
CA TYR A 184 -9.95 -11.63 -17.27
C TYR A 184 -9.40 -10.26 -16.90
N ASN A 185 -9.12 -9.44 -17.91
CA ASN A 185 -8.59 -8.11 -17.69
C ASN A 185 -9.67 -7.17 -17.18
N GLN A 186 -9.44 -6.59 -16.00
CA GLN A 186 -10.43 -5.73 -15.38
C GLN A 186 -10.47 -4.33 -15.94
N GLU A 187 -9.34 -3.82 -16.42
CA GLU A 187 -9.27 -2.46 -16.96
C GLU A 187 -9.90 -2.35 -18.34
N ASP A 188 -9.92 -3.44 -19.10
CA ASP A 188 -10.33 -3.40 -20.50
C ASP A 188 -11.56 -4.24 -20.81
N GLY A 189 -11.68 -5.41 -20.19
CA GLY A 189 -12.76 -6.31 -20.55
C GLY A 189 -12.40 -7.29 -21.64
N THR A 190 -11.14 -7.70 -21.72
CA THR A 190 -10.70 -8.71 -22.66
C THR A 190 -10.41 -10.01 -21.91
N ILE A 191 -10.49 -11.12 -22.62
CA ILE A 191 -10.22 -12.43 -22.05
C ILE A 191 -8.88 -12.92 -22.57
N HIS A 192 -7.99 -13.26 -21.65
CA HIS A 192 -6.64 -13.70 -22.00
C HIS A 192 -6.48 -15.19 -21.75
N ARG A 193 -5.56 -15.80 -22.48
CA ARG A 193 -5.26 -17.22 -22.32
C ARG A 193 -3.76 -17.38 -22.17
N PHE A 194 -3.33 -17.75 -20.97
CA PHE A 194 -1.91 -17.96 -20.67
C PHE A 194 -1.65 -19.45 -20.78
N ARG A 195 -0.62 -19.81 -21.54
CA ARG A 195 -0.22 -21.20 -21.69
C ARG A 195 1.17 -21.38 -21.13
N ALA A 196 1.38 -22.43 -20.36
CA ALA A 196 2.65 -22.64 -19.67
C ALA A 196 2.84 -24.13 -19.44
N HIS A 197 3.96 -24.46 -18.80
CA HIS A 197 4.29 -25.84 -18.48
C HIS A 197 4.09 -26.18 -17.01
N LYS A 198 4.38 -25.24 -16.11
CA LYS A 198 4.27 -25.49 -14.67
C LYS A 198 3.54 -24.31 -14.02
N THR A 199 2.23 -24.48 -13.79
CA THR A 199 1.38 -23.45 -13.21
C THR A 199 1.44 -23.53 -11.69
N ILE A 200 1.68 -22.40 -11.04
CA ILE A 200 1.88 -22.32 -9.59
C ILE A 200 0.78 -21.48 -8.98
N ILE A 201 0.16 -21.98 -7.91
CA ILE A 201 -0.99 -21.34 -7.28
C ILE A 201 -0.58 -20.86 -5.89
N ALA A 202 -0.71 -19.57 -5.64
CA ALA A 202 -0.40 -18.97 -4.34
C ALA A 202 -1.45 -17.93 -3.98
N THR A 203 -2.72 -18.27 -4.16
CA THR A 203 -3.78 -17.27 -4.06
C THR A 203 -4.09 -16.89 -2.63
N GLY A 204 -4.16 -17.87 -1.73
CA GLY A 204 -4.43 -17.54 -0.35
C GLY A 204 -5.64 -18.22 0.25
N GLY A 205 -6.05 -17.80 1.45
CA GLY A 205 -7.06 -18.50 2.20
C GLY A 205 -8.48 -18.10 1.83
N TYR A 206 -9.42 -18.70 2.55
CA TYR A 206 -10.85 -18.56 2.27
C TYR A 206 -11.52 -18.08 3.56
N GLY A 207 -10.88 -17.14 4.24
CA GLY A 207 -11.32 -16.71 5.55
C GLY A 207 -12.61 -15.91 5.54
N ARG A 208 -12.97 -15.35 4.39
CA ARG A 208 -14.16 -14.53 4.26
C ARG A 208 -15.44 -15.33 4.05
N ALA A 209 -15.42 -16.64 4.30
CA ALA A 209 -16.64 -17.43 4.26
C ALA A 209 -17.39 -17.40 5.59
N TYR A 210 -16.84 -16.77 6.61
CA TYR A 210 -17.45 -16.68 7.93
C TYR A 210 -17.93 -15.24 8.15
N PHE A 211 -18.64 -15.02 9.25
CA PHE A 211 -19.22 -13.71 9.50
C PHE A 211 -18.19 -12.74 10.08
N SER A 212 -17.51 -13.14 11.16
CA SER A 212 -16.51 -12.31 11.81
C SER A 212 -15.14 -12.92 11.58
N CYS A 213 -14.45 -12.45 10.55
CA CYS A 213 -13.10 -12.89 10.25
C CYS A 213 -12.13 -11.73 10.37
N THR A 214 -10.86 -12.05 10.55
CA THR A 214 -9.82 -11.04 10.64
C THR A 214 -9.16 -10.75 9.30
N SER A 215 -9.59 -11.43 8.23
CA SER A 215 -8.92 -11.34 6.95
C SER A 215 -9.31 -10.07 6.22
N ALA A 216 -8.95 -10.01 4.93
CA ALA A 216 -9.14 -8.84 4.12
C ALA A 216 -10.54 -8.84 3.52
N HIS A 217 -10.78 -7.93 2.57
CA HIS A 217 -12.03 -7.97 1.82
C HIS A 217 -11.89 -8.80 0.57
N THR A 218 -10.69 -8.86 0.00
CA THR A 218 -10.39 -9.66 -1.17
C THR A 218 -9.95 -11.07 -0.83
N CYS A 219 -9.77 -11.36 0.46
CA CYS A 219 -9.26 -12.65 0.92
C CYS A 219 -10.32 -13.75 0.80
N THR A 220 -10.58 -14.16 -0.43
CA THR A 220 -11.46 -15.29 -0.72
C THR A 220 -10.67 -16.41 -1.39
N GLY A 221 -11.23 -17.60 -1.35
CA GLY A 221 -10.51 -18.75 -1.87
C GLY A 221 -10.76 -18.97 -3.34
N ASP A 222 -9.89 -18.45 -4.19
CA ASP A 222 -10.00 -18.64 -5.62
C ASP A 222 -8.97 -19.62 -6.17
N GLY A 223 -8.06 -20.10 -5.33
CA GLY A 223 -7.17 -21.15 -5.75
C GLY A 223 -7.74 -22.50 -5.39
N ASN A 224 -8.46 -22.55 -4.26
CA ASN A 224 -9.06 -23.80 -3.83
C ASN A 224 -10.34 -24.12 -4.59
N ALA A 225 -10.93 -23.13 -5.25
CA ALA A 225 -12.11 -23.37 -6.06
C ALA A 225 -11.78 -23.60 -7.53
N MET A 226 -10.70 -23.01 -8.04
CA MET A 226 -10.23 -23.34 -9.38
C MET A 226 -9.74 -24.78 -9.45
N VAL A 227 -9.13 -25.27 -8.38
CA VAL A 227 -8.67 -26.66 -8.33
C VAL A 227 -9.85 -27.61 -8.22
N SER A 228 -10.85 -27.26 -7.39
CA SER A 228 -11.99 -28.13 -7.19
C SER A 228 -12.90 -28.20 -8.42
N ARG A 229 -12.84 -27.19 -9.29
CA ARG A 229 -13.59 -27.25 -10.53
C ARG A 229 -12.95 -28.16 -11.56
N ALA A 230 -11.64 -28.37 -11.50
CA ALA A 230 -10.96 -29.23 -12.46
C ALA A 230 -11.09 -30.71 -12.12
N GLY A 231 -11.42 -31.04 -10.89
CA GLY A 231 -11.63 -32.43 -10.52
C GLY A 231 -10.55 -32.97 -9.60
N PHE A 232 -9.87 -32.07 -8.90
CA PHE A 232 -8.78 -32.41 -8.01
C PHE A 232 -9.17 -32.12 -6.55
N PRO A 233 -8.67 -32.88 -5.58
CA PRO A 233 -9.16 -32.76 -4.22
C PRO A 233 -8.54 -31.62 -3.42
N LEU A 234 -9.15 -31.37 -2.26
CA LEU A 234 -8.64 -30.48 -1.23
C LEU A 234 -8.52 -31.26 0.06
N GLN A 235 -7.58 -30.85 0.91
CA GLN A 235 -7.20 -31.64 2.07
C GLN A 235 -7.31 -30.83 3.34
N ASP A 236 -7.88 -31.44 4.39
CA ASP A 236 -7.92 -30.92 5.76
C ASP A 236 -8.63 -29.58 5.84
N LEU A 237 -9.83 -29.53 5.28
CA LEU A 237 -10.58 -28.28 5.24
C LEU A 237 -11.36 -27.99 6.50
N GLU A 238 -11.38 -28.89 7.47
CA GLU A 238 -12.18 -28.71 8.67
C GLU A 238 -11.39 -28.13 9.84
N PHE A 239 -10.08 -27.92 9.67
CA PHE A 239 -9.23 -27.31 10.68
C PHE A 239 -9.16 -25.83 10.36
N VAL A 240 -9.96 -25.04 11.07
CA VAL A 240 -9.96 -23.59 10.97
C VAL A 240 -9.52 -23.05 12.32
N GLN A 241 -8.55 -22.13 12.32
CA GLN A 241 -8.01 -21.61 13.57
C GLN A 241 -8.73 -20.34 13.97
N PHE A 242 -9.19 -20.31 15.22
CA PHE A 242 -9.92 -19.17 15.76
C PHE A 242 -8.99 -18.36 16.66
N HIS A 243 -8.94 -17.05 16.42
CA HIS A 243 -8.02 -16.22 17.18
C HIS A 243 -8.69 -15.68 18.43
N PRO A 244 -7.98 -15.65 19.55
CA PRO A 244 -8.53 -15.07 20.79
C PRO A 244 -8.29 -13.58 20.96
N SER A 245 -7.92 -12.84 19.91
CA SER A 245 -7.56 -11.43 20.05
C SER A 245 -8.23 -10.59 18.96
N GLY A 246 -9.53 -10.76 18.78
CA GLY A 246 -10.26 -10.03 17.76
C GLY A 246 -11.20 -9.01 18.39
N ILE A 247 -11.21 -7.80 17.81
CA ILE A 247 -12.07 -6.74 18.33
C ILE A 247 -13.53 -7.04 18.02
N TYR A 248 -14.40 -6.58 18.92
CA TYR A 248 -15.83 -6.66 18.73
C TYR A 248 -16.26 -5.80 17.54
N GLY A 249 -17.30 -6.24 16.84
CA GLY A 249 -17.89 -5.46 15.77
C GLY A 249 -17.13 -5.49 14.46
N SER A 250 -15.91 -4.94 14.44
CA SER A 250 -15.18 -4.80 13.19
C SER A 250 -14.49 -6.10 12.79
N GLY A 251 -13.86 -6.77 13.74
CA GLY A 251 -13.13 -7.98 13.48
C GLY A 251 -11.64 -7.82 13.31
N CYS A 252 -11.09 -6.66 13.66
CA CYS A 252 -9.67 -6.41 13.47
C CYS A 252 -8.87 -7.14 14.56
N LEU A 253 -7.55 -7.09 14.41
CA LEU A 253 -6.64 -7.90 15.20
C LEU A 253 -5.64 -7.05 15.96
N ILE A 254 -5.46 -7.37 17.24
CA ILE A 254 -4.29 -6.97 17.99
C ILE A 254 -3.37 -8.18 18.07
N THR A 255 -2.07 -7.96 17.99
CA THR A 255 -1.14 -9.07 17.87
C THR A 255 -0.97 -9.79 19.20
N GLU A 256 -0.52 -11.03 19.12
CA GLU A 256 -0.18 -11.78 20.32
C GLU A 256 1.24 -11.50 20.81
N GLY A 257 1.96 -10.62 20.12
CA GLY A 257 3.21 -10.10 20.65
C GLY A 257 3.03 -9.25 21.89
N ALA A 258 1.88 -8.60 22.03
CA ALA A 258 1.58 -7.88 23.27
C ALA A 258 1.35 -8.85 24.42
N ARG A 259 0.84 -10.04 24.11
CA ARG A 259 0.76 -11.10 25.12
C ARG A 259 2.09 -11.77 25.34
N GLY A 260 3.00 -11.69 24.36
CA GLY A 260 4.35 -12.20 24.54
C GLY A 260 5.26 -11.29 25.34
N GLU A 261 4.83 -10.06 25.61
CA GLU A 261 5.60 -9.11 26.38
C GLU A 261 4.93 -8.74 27.70
N GLY A 262 3.88 -9.44 28.10
CA GLY A 262 3.23 -9.14 29.35
C GLY A 262 1.78 -8.72 29.25
N GLY A 263 1.07 -9.22 28.25
CA GLY A 263 -0.36 -8.96 28.16
C GLY A 263 -1.15 -9.93 29.02
N PHE A 264 -2.09 -9.38 29.79
CA PHE A 264 -2.88 -10.16 30.75
C PHE A 264 -4.35 -9.93 30.48
N LEU A 265 -5.11 -11.01 30.31
CA LEU A 265 -6.55 -10.89 30.12
C LEU A 265 -7.25 -10.75 31.46
N VAL A 266 -8.11 -9.75 31.58
CA VAL A 266 -8.85 -9.48 32.80
C VAL A 266 -10.33 -9.60 32.49
N ASN A 267 -11.00 -10.52 33.16
CA ASN A 267 -12.44 -10.72 32.99
C ASN A 267 -13.19 -9.73 33.89
N SER A 268 -14.50 -9.95 34.04
CA SER A 268 -15.31 -9.06 34.87
C SER A 268 -14.98 -9.21 36.35
N GLU A 269 -14.78 -10.44 36.82
CA GLU A 269 -14.46 -10.66 38.23
C GLU A 269 -13.01 -10.35 38.55
N GLY A 270 -12.18 -10.11 37.55
CA GLY A 270 -10.80 -9.72 37.78
C GLY A 270 -9.87 -10.84 38.21
N GLU A 271 -10.32 -12.09 38.13
CA GLU A 271 -9.51 -13.23 38.53
C GLU A 271 -8.73 -13.76 37.32
N ARG A 272 -7.52 -14.23 37.60
CA ARG A 272 -6.59 -14.59 36.53
C ARG A 272 -6.85 -16.00 36.01
N PHE A 273 -6.72 -16.17 34.69
CA PHE A 273 -6.95 -17.44 34.01
C PHE A 273 -5.72 -18.32 34.16
N MET A 274 -5.64 -19.00 35.30
CA MET A 274 -4.56 -19.97 35.45
C MET A 274 -5.07 -21.36 35.84
N GLU A 275 -6.07 -21.44 36.72
CA GLU A 275 -6.47 -22.72 37.30
C GLU A 275 -7.93 -23.03 37.03
N ARG A 276 -8.71 -22.02 36.65
CA ARG A 276 -10.14 -22.22 36.45
C ARG A 276 -10.40 -22.97 35.14
N TYR A 277 -9.99 -22.38 34.02
CA TYR A 277 -10.20 -23.00 32.71
C TYR A 277 -8.94 -22.83 31.86
N ALA A 278 -7.77 -23.07 32.46
CA ALA A 278 -6.52 -22.71 31.81
C ALA A 278 -5.44 -23.74 32.08
N PRO A 279 -4.46 -23.90 31.17
CA PRO A 279 -3.35 -24.83 31.43
C PRO A 279 -2.31 -24.29 32.38
N THR A 280 -1.21 -25.03 32.55
CA THR A 280 -0.16 -24.59 33.46
C THR A 280 0.64 -23.44 32.87
N ALA A 281 0.87 -23.46 31.56
CA ALA A 281 1.41 -22.28 30.88
C ALA A 281 0.35 -21.19 30.85
N LYS A 282 0.75 -19.98 31.23
CA LYS A 282 -0.23 -18.94 31.57
C LYS A 282 -0.92 -18.37 30.33
N ASP A 283 -0.15 -17.71 29.46
CA ASP A 283 -0.74 -17.05 28.30
C ASP A 283 0.07 -17.31 27.04
N LEU A 284 1.27 -17.87 27.20
CA LEU A 284 2.14 -18.15 26.05
C LEU A 284 1.97 -19.61 25.67
N ALA A 285 0.76 -19.96 25.24
CA ALA A 285 0.39 -21.33 24.91
C ALA A 285 -0.14 -21.36 23.48
N CYS A 286 -0.76 -22.47 23.10
CA CYS A 286 -1.33 -22.61 21.77
C CYS A 286 -2.50 -21.67 21.56
N ARG A 287 -2.87 -21.47 20.30
CA ARG A 287 -3.96 -20.59 19.93
C ARG A 287 -5.34 -21.23 20.07
N ASP A 288 -5.41 -22.49 20.53
CA ASP A 288 -6.70 -23.15 20.71
C ASP A 288 -7.03 -23.45 22.17
N VAL A 289 -6.02 -23.61 23.04
CA VAL A 289 -6.30 -23.80 24.45
C VAL A 289 -6.69 -22.49 25.14
N VAL A 290 -6.45 -21.35 24.48
CA VAL A 290 -6.85 -20.07 25.03
C VAL A 290 -8.17 -19.60 24.43
N SER A 291 -8.48 -19.99 23.20
CA SER A 291 -9.79 -19.68 22.62
C SER A 291 -10.88 -20.52 23.26
N ARG A 292 -10.57 -21.74 23.68
CA ARG A 292 -11.51 -22.53 24.46
C ARG A 292 -11.57 -22.03 25.90
N ALA A 293 -10.53 -21.32 26.35
CA ALA A 293 -10.53 -20.68 27.65
C ALA A 293 -11.30 -19.37 27.66
N ILE A 294 -11.73 -18.90 26.50
CA ILE A 294 -12.50 -17.66 26.41
C ILE A 294 -13.95 -17.94 26.04
N THR A 295 -14.19 -18.85 25.09
CA THR A 295 -15.51 -19.15 24.57
C THR A 295 -16.45 -19.72 25.61
N MET A 296 -15.95 -20.50 26.57
CA MET A 296 -16.79 -20.96 27.67
C MET A 296 -16.76 -20.02 28.86
N GLU A 297 -15.77 -19.12 28.94
CA GLU A 297 -15.71 -18.16 30.03
C GLU A 297 -16.75 -17.05 29.85
N ILE A 298 -16.96 -16.59 28.62
CA ILE A 298 -18.01 -15.61 28.38
C ILE A 298 -19.38 -16.28 28.42
N ARG A 299 -19.43 -17.59 28.17
CA ARG A 299 -20.69 -18.32 28.26
C ARG A 299 -21.09 -18.56 29.71
N GLU A 300 -20.12 -18.71 30.61
CA GLU A 300 -20.41 -18.96 32.01
C GLU A 300 -20.65 -17.69 32.81
N GLY A 301 -20.74 -16.54 32.16
CA GLY A 301 -21.08 -15.31 32.85
C GLY A 301 -19.97 -14.70 33.67
N ARG A 302 -18.72 -14.80 33.21
CA ARG A 302 -17.59 -14.25 33.93
C ARG A 302 -16.90 -13.11 33.21
N GLY A 303 -17.27 -12.83 31.95
CA GLY A 303 -16.63 -11.78 31.18
C GLY A 303 -17.34 -10.45 31.30
N VAL A 304 -16.72 -9.44 30.70
CA VAL A 304 -17.25 -8.08 30.72
C VAL A 304 -18.21 -7.92 29.55
N GLY A 305 -19.06 -6.90 29.58
CA GLY A 305 -19.87 -6.62 28.42
C GLY A 305 -21.27 -6.10 28.68
N LYS A 306 -21.79 -5.30 27.75
CA LYS A 306 -23.21 -4.98 27.77
C LYS A 306 -24.05 -6.21 27.49
N LYS A 307 -23.62 -7.04 26.53
CA LYS A 307 -24.22 -8.33 26.28
C LYS A 307 -23.36 -9.47 26.81
N LYS A 308 -22.39 -9.15 27.69
CA LYS A 308 -21.67 -10.12 28.54
C LYS A 308 -20.84 -11.10 27.73
N ASP A 309 -20.40 -10.70 26.53
CA ASP A 309 -19.87 -11.67 25.58
C ASP A 309 -18.51 -11.26 25.04
N HIS A 310 -17.74 -10.49 25.79
CA HIS A 310 -16.38 -10.16 25.36
C HIS A 310 -15.48 -9.99 26.58
N MET A 311 -14.21 -9.68 26.31
CA MET A 311 -13.20 -9.58 27.35
C MET A 311 -12.39 -8.30 27.21
N TYR A 312 -11.31 -8.16 27.97
CA TYR A 312 -10.28 -7.19 27.61
C TYR A 312 -8.91 -7.68 28.08
N LEU A 313 -7.88 -7.24 27.35
CA LEU A 313 -6.50 -7.65 27.57
C LEU A 313 -5.70 -6.46 28.07
N GLN A 314 -5.19 -6.57 29.29
CA GLN A 314 -4.53 -5.44 29.94
C GLN A 314 -3.10 -5.27 29.46
N LEU A 315 -2.76 -4.03 29.08
CA LEU A 315 -1.41 -3.67 28.66
C LEU A 315 -0.85 -2.54 29.52
N SER A 316 -1.49 -2.25 30.65
CA SER A 316 -1.14 -1.11 31.49
C SER A 316 0.03 -1.37 32.42
N HIS A 317 0.40 -2.63 32.65
CA HIS A 317 1.50 -2.92 33.56
C HIS A 317 2.86 -2.63 32.95
N LEU A 318 2.95 -2.51 31.62
CA LEU A 318 4.22 -2.29 30.96
C LEU A 318 4.67 -0.84 31.15
N PRO A 319 5.99 -0.59 31.06
CA PRO A 319 6.46 0.79 31.01
C PRO A 319 6.03 1.47 29.72
N PRO A 320 5.87 2.80 29.73
CA PRO A 320 5.47 3.49 28.49
C PRO A 320 6.55 3.51 27.42
N GLU A 321 7.81 3.28 27.78
CA GLU A 321 8.89 3.25 26.80
C GLU A 321 8.96 1.94 26.04
N VAL A 322 8.24 0.91 26.51
CA VAL A 322 8.26 -0.40 25.86
C VAL A 322 7.16 -0.53 24.81
N LEU A 323 6.03 0.13 25.00
CA LEU A 323 4.98 0.13 23.98
C LEU A 323 5.40 0.91 22.75
N LYS A 324 5.88 2.13 22.92
CA LYS A 324 6.11 3.04 21.80
C LYS A 324 7.35 2.69 20.99
N GLU A 325 8.17 1.74 21.44
CA GLU A 325 9.35 1.31 20.70
C GLU A 325 9.15 -0.02 19.98
N ARG A 326 8.49 -0.98 20.60
CA ARG A 326 8.33 -2.33 20.06
C ARG A 326 7.00 -2.53 19.34
N LEU A 327 5.91 -1.90 19.81
CA LEU A 327 4.60 -2.03 19.18
C LEU A 327 3.93 -0.66 19.04
N PRO A 328 4.27 0.10 17.99
CA PRO A 328 3.56 1.37 17.75
C PRO A 328 2.31 1.18 16.91
N GLY A 329 2.19 0.02 16.24
CA GLY A 329 1.05 -0.20 15.37
C GLY A 329 -0.24 -0.46 16.11
N ILE A 330 -0.17 -1.19 17.23
CA ILE A 330 -1.34 -1.45 18.05
C ILE A 330 -1.75 -0.23 18.86
N SER A 331 -0.81 0.67 19.14
CA SER A 331 -1.09 1.91 19.85
C SER A 331 -1.95 2.88 19.03
N GLU A 332 -2.03 2.71 17.72
CA GLU A 332 -2.95 3.50 16.90
C GLU A 332 -4.13 2.71 16.35
N THR A 333 -4.04 1.38 16.27
CA THR A 333 -5.14 0.57 15.76
C THR A 333 -6.29 0.44 16.75
N ALA A 334 -6.00 0.21 18.03
CA ALA A 334 -7.04 0.13 19.03
C ALA A 334 -7.54 1.49 19.49
N ALA A 335 -6.93 2.59 19.03
CA ALA A 335 -7.41 3.91 19.38
C ALA A 335 -8.46 4.45 18.41
N ILE A 336 -8.70 3.77 17.30
CA ILE A 336 -9.64 4.20 16.29
C ILE A 336 -10.87 3.29 16.25
N PHE A 337 -10.66 1.98 16.08
CA PHE A 337 -11.78 1.06 15.93
C PHE A 337 -12.42 0.75 17.28
N ALA A 338 -11.61 0.51 18.31
CA ALA A 338 -12.15 0.35 19.65
C ALA A 338 -12.50 1.71 20.23
N GLY A 339 -11.53 2.60 20.31
CA GLY A 339 -11.79 3.98 20.65
C GLY A 339 -12.00 4.25 22.12
N VAL A 340 -11.15 3.69 22.98
CA VAL A 340 -11.14 4.10 24.38
C VAL A 340 -9.75 4.60 24.74
N ASP A 341 -8.78 3.69 24.70
CA ASP A 341 -7.36 3.94 24.99
C ASP A 341 -6.62 2.63 24.75
N VAL A 342 -5.29 2.72 24.68
CA VAL A 342 -4.45 1.54 24.49
C VAL A 342 -3.65 1.28 25.77
N THR A 343 -3.17 2.35 26.39
CA THR A 343 -2.26 2.26 27.53
C THR A 343 -2.95 2.30 28.88
N LYS A 344 -3.84 3.26 29.12
CA LYS A 344 -4.43 3.44 30.45
C LYS A 344 -5.78 2.75 30.61
N GLU A 345 -6.41 2.31 29.52
CA GLU A 345 -7.66 1.57 29.58
C GLU A 345 -7.65 0.45 28.54
N PRO A 346 -8.18 -0.73 28.89
CA PRO A 346 -8.08 -1.88 27.99
C PRO A 346 -9.14 -1.91 26.88
N ILE A 347 -9.08 -2.91 26.02
CA ILE A 347 -9.79 -2.93 24.74
C ILE A 347 -10.60 -4.21 24.56
N PRO A 348 -11.79 -4.16 23.96
CA PRO A 348 -12.65 -5.35 23.86
C PRO A 348 -12.07 -6.42 22.93
N ILE A 349 -12.46 -7.67 23.22
CA ILE A 349 -11.86 -8.87 22.64
C ILE A 349 -12.95 -9.92 22.39
N ILE A 350 -13.02 -10.44 21.16
CA ILE A 350 -14.00 -11.45 20.78
C ILE A 350 -13.25 -12.53 19.98
N PRO A 351 -13.70 -13.78 19.95
CA PRO A 351 -13.04 -14.77 19.07
C PRO A 351 -13.46 -14.64 17.62
N THR A 352 -12.45 -14.51 16.74
CA THR A 352 -12.67 -14.34 15.31
C THR A 352 -11.91 -15.41 14.53
N VAL A 353 -12.35 -15.67 13.29
CA VAL A 353 -11.65 -16.59 12.41
C VAL A 353 -10.33 -15.97 11.97
N HIS A 354 -9.25 -16.74 12.07
CA HIS A 354 -7.92 -16.22 11.75
C HIS A 354 -7.26 -16.88 10.55
N TYR A 355 -7.09 -18.21 10.58
CA TYR A 355 -6.20 -18.88 9.66
C TYR A 355 -6.82 -20.19 9.22
N ASN A 356 -6.45 -20.67 8.05
CA ASN A 356 -6.95 -21.92 7.49
C ASN A 356 -5.79 -22.87 7.26
N MET A 357 -5.76 -23.97 8.02
CA MET A 357 -4.70 -24.95 7.90
C MET A 357 -5.08 -26.08 6.94
N GLY A 358 -5.48 -25.69 5.74
CA GLY A 358 -5.90 -26.66 4.75
C GLY A 358 -5.81 -26.07 3.36
N GLY A 359 -6.08 -26.90 2.37
CA GLY A 359 -6.02 -26.48 0.99
C GLY A 359 -5.56 -27.61 0.11
N ILE A 360 -4.88 -27.24 -0.97
CA ILE A 360 -4.38 -28.15 -2.00
C ILE A 360 -3.31 -29.07 -1.41
N PRO A 361 -3.43 -30.38 -1.55
CA PRO A 361 -2.41 -31.28 -0.98
C PRO A 361 -1.17 -31.33 -1.85
N THR A 362 -0.04 -30.97 -1.26
CA THR A 362 1.23 -30.98 -1.98
C THR A 362 2.24 -31.82 -1.20
N LYS A 363 3.39 -32.03 -1.83
CA LYS A 363 4.54 -32.69 -1.20
C LYS A 363 5.43 -31.63 -0.57
N TRP A 364 6.61 -32.05 -0.11
CA TRP A 364 7.52 -31.11 0.52
C TRP A 364 8.30 -30.26 -0.49
N ASN A 365 8.24 -30.59 -1.77
CA ASN A 365 8.94 -29.81 -2.78
C ASN A 365 8.03 -28.90 -3.58
N GLY A 366 6.72 -28.97 -3.38
CA GLY A 366 5.84 -28.00 -4.00
C GLY A 366 4.84 -28.56 -4.99
N GLU A 367 5.03 -29.81 -5.41
CA GLU A 367 4.19 -30.37 -6.46
C GLU A 367 2.93 -31.02 -5.88
N ALA A 368 1.79 -30.71 -6.51
CA ALA A 368 0.50 -31.07 -5.96
C ALA A 368 0.21 -32.56 -6.16
N LEU A 369 -0.82 -33.04 -5.45
CA LEU A 369 -1.09 -34.46 -5.38
C LEU A 369 -2.56 -34.76 -5.62
N THR A 370 -2.83 -35.99 -6.04
CA THR A 370 -4.13 -36.63 -6.03
C THR A 370 -3.92 -38.08 -5.65
N ILE A 371 -4.98 -38.88 -5.64
CA ILE A 371 -4.86 -40.29 -5.33
C ILE A 371 -5.38 -41.13 -6.48
N ASP A 372 -4.88 -42.37 -6.53
CA ASP A 372 -5.21 -43.31 -7.57
C ASP A 372 -6.56 -43.96 -7.28
N GLU A 373 -7.30 -44.28 -8.35
CA GLU A 373 -8.70 -44.68 -8.23
C GLU A 373 -8.85 -46.10 -7.67
N GLU A 374 -7.81 -46.92 -7.71
CA GLU A 374 -7.93 -48.29 -7.25
C GLU A 374 -6.92 -48.71 -6.19
N THR A 375 -5.70 -48.14 -6.18
CA THR A 375 -4.69 -48.55 -5.22
C THR A 375 -4.61 -47.67 -3.99
N GLY A 376 -5.12 -46.44 -4.07
CA GLY A 376 -5.12 -45.55 -2.93
C GLY A 376 -3.80 -44.87 -2.62
N GLU A 377 -2.81 -44.98 -3.50
CA GLU A 377 -1.52 -44.33 -3.32
C GLU A 377 -1.58 -42.92 -3.90
N ASP A 378 -0.53 -42.15 -3.59
CA ASP A 378 -0.45 -40.79 -4.10
C ASP A 378 -0.11 -40.78 -5.58
N LYS A 379 -0.29 -39.62 -6.20
CA LYS A 379 0.01 -39.43 -7.60
C LYS A 379 0.22 -37.95 -7.83
N VAL A 380 1.14 -37.61 -8.73
CA VAL A 380 1.50 -36.23 -8.98
C VAL A 380 0.71 -35.73 -10.18
N ILE A 381 0.00 -34.62 -10.02
CA ILE A 381 -0.63 -33.95 -11.15
C ILE A 381 0.45 -33.31 -12.01
N PRO A 382 0.47 -33.54 -13.32
CA PRO A 382 1.54 -32.96 -14.15
C PRO A 382 1.30 -31.49 -14.45
N GLY A 383 2.10 -30.61 -13.86
CA GLY A 383 2.06 -29.19 -14.14
C GLY A 383 1.58 -28.34 -12.99
N LEU A 384 0.78 -28.86 -12.09
CA LEU A 384 0.18 -28.05 -11.03
C LEU A 384 1.05 -28.09 -9.78
N MET A 385 1.47 -26.91 -9.32
CA MET A 385 2.23 -26.75 -8.09
C MET A 385 1.55 -25.70 -7.23
N ALA A 386 1.87 -25.69 -5.95
CA ALA A 386 1.21 -24.78 -5.03
C ALA A 386 2.12 -24.46 -3.85
N CYS A 387 1.99 -23.26 -3.31
CA CYS A 387 2.80 -22.81 -2.20
C CYS A 387 2.10 -21.65 -1.50
N GLY A 388 2.31 -21.54 -0.19
CA GLY A 388 1.78 -20.44 0.59
C GLY A 388 0.67 -20.89 1.54
N GLU A 389 -0.35 -20.05 1.67
CA GLU A 389 -1.48 -20.36 2.54
C GLU A 389 -2.53 -21.20 1.84
N ALA A 390 -2.52 -21.21 0.50
CA ALA A 390 -3.47 -22.00 -0.28
C ALA A 390 -2.94 -23.37 -0.63
N ALA A 391 -2.07 -23.93 0.20
CA ALA A 391 -1.48 -25.23 -0.04
C ALA A 391 -1.24 -25.93 1.28
N CYS A 392 -1.72 -27.16 1.38
CA CYS A 392 -1.60 -27.95 2.61
C CYS A 392 -0.39 -28.87 2.46
N VAL A 393 0.79 -28.33 2.78
CA VAL A 393 1.99 -29.15 2.95
C VAL A 393 1.91 -29.93 4.26
N SER A 394 1.01 -29.52 5.15
CA SER A 394 0.91 -29.98 6.55
C SER A 394 2.23 -29.78 7.27
N VAL A 395 2.72 -28.54 7.24
CA VAL A 395 3.69 -28.08 8.22
C VAL A 395 2.99 -27.67 9.50
N HIS A 396 1.77 -27.18 9.38
CA HIS A 396 1.02 -26.74 10.55
C HIS A 396 0.18 -27.88 11.11
N GLY A 397 -0.28 -28.79 10.26
CA GLY A 397 -1.01 -29.95 10.72
C GLY A 397 -2.40 -29.63 11.25
N ALA A 398 -2.55 -29.75 12.57
CA ALA A 398 -3.82 -29.49 13.23
C ALA A 398 -3.84 -28.18 14.00
N ASN A 399 -2.70 -27.50 14.11
CA ASN A 399 -2.63 -26.22 14.83
C ASN A 399 -1.40 -25.47 14.37
N ARG A 400 -1.59 -24.26 13.84
CA ARG A 400 -0.47 -23.44 13.40
C ARG A 400 0.22 -22.81 14.60
N LEU A 401 1.53 -23.02 14.71
CA LEU A 401 2.31 -22.41 15.77
C LEU A 401 2.48 -20.91 15.51
N GLY A 402 2.81 -20.18 16.55
CA GLY A 402 2.92 -18.73 16.44
C GLY A 402 4.11 -18.31 15.60
N ALA A 403 3.82 -17.54 14.53
CA ALA A 403 4.80 -16.97 13.59
C ALA A 403 5.61 -18.03 12.86
N ASN A 404 4.95 -19.12 12.47
CA ASN A 404 5.52 -20.06 11.53
C ASN A 404 4.96 -19.90 10.13
N SER A 405 4.03 -18.97 9.92
CA SER A 405 3.42 -18.82 8.61
C SER A 405 4.15 -17.84 7.72
N LEU A 406 5.02 -16.99 8.27
CA LEU A 406 5.91 -16.18 7.44
C LEU A 406 7.19 -16.91 7.11
N LEU A 407 7.56 -17.92 7.90
CA LEU A 407 8.64 -18.81 7.51
C LEU A 407 8.16 -19.81 6.45
N ASP A 408 6.86 -20.05 6.41
CA ASP A 408 6.27 -20.94 5.42
C ASP A 408 6.43 -20.39 4.01
N LEU A 409 6.31 -19.07 3.85
CA LEU A 409 6.37 -18.46 2.53
C LEU A 409 7.78 -18.41 1.99
N VAL A 410 8.75 -18.10 2.83
CA VAL A 410 10.13 -17.90 2.40
C VAL A 410 10.81 -19.21 2.03
N VAL A 411 10.59 -20.26 2.81
CA VAL A 411 11.26 -21.53 2.55
C VAL A 411 10.59 -22.27 1.40
N PHE A 412 9.26 -22.42 1.46
CA PHE A 412 8.55 -23.17 0.44
C PHE A 412 8.16 -22.32 -0.76
N GLY A 413 8.67 -21.10 -0.86
CA GLY A 413 8.66 -20.38 -2.11
C GLY A 413 10.02 -20.53 -2.76
N ARG A 414 11.03 -20.71 -1.92
CA ARG A 414 12.39 -20.97 -2.40
C ARG A 414 12.53 -22.38 -2.95
N ALA A 415 11.80 -23.34 -2.38
CA ALA A 415 11.88 -24.71 -2.84
C ALA A 415 11.10 -24.96 -4.13
N VAL A 416 10.10 -24.13 -4.42
CA VAL A 416 9.36 -24.25 -5.67
C VAL A 416 10.23 -23.84 -6.85
N ALA A 417 11.04 -22.80 -6.67
CA ALA A 417 11.98 -22.35 -7.70
C ALA A 417 13.08 -23.36 -7.99
N HIS A 418 13.39 -24.25 -7.04
CA HIS A 418 14.47 -25.21 -7.20
C HIS A 418 14.03 -26.48 -7.92
N THR A 419 12.79 -26.92 -7.74
CA THR A 419 12.34 -28.16 -8.35
C THR A 419 11.88 -27.98 -9.80
N VAL A 420 11.58 -26.76 -10.23
CA VAL A 420 11.36 -26.53 -11.65
C VAL A 420 12.70 -26.45 -12.36
N ALA A 421 13.75 -26.01 -11.66
CA ALA A 421 15.09 -25.96 -12.23
C ALA A 421 15.72 -27.33 -12.39
N ASP A 422 15.12 -28.39 -11.83
CA ASP A 422 15.63 -29.74 -11.96
C ASP A 422 14.88 -30.55 -13.01
N THR A 423 13.83 -30.00 -13.59
CA THR A 423 13.02 -30.77 -14.53
C THR A 423 12.83 -30.07 -15.87
N LEU A 424 12.69 -28.75 -15.88
CA LEU A 424 12.24 -28.01 -17.05
C LEU A 424 13.45 -27.46 -17.80
N GLN A 425 13.53 -27.76 -19.09
CA GLN A 425 14.52 -27.11 -19.94
C GLN A 425 14.00 -25.75 -20.39
N PRO A 426 14.81 -24.70 -20.29
CA PRO A 426 14.35 -23.36 -20.70
C PRO A 426 14.22 -23.25 -22.21
N GLY A 427 12.97 -23.15 -22.68
CA GLY A 427 12.70 -23.04 -24.09
C GLY A 427 12.26 -24.38 -24.67
N LEU A 428 10.96 -24.54 -24.85
CA LEU A 428 10.38 -25.77 -25.35
C LEU A 428 9.15 -25.42 -26.18
N PRO A 429 8.90 -26.16 -27.26
CA PRO A 429 7.68 -25.93 -28.03
C PRO A 429 6.46 -26.38 -27.26
N HIS A 430 5.39 -25.58 -27.38
CA HIS A 430 4.10 -25.91 -26.78
C HIS A 430 3.29 -26.73 -27.77
N LYS A 431 2.57 -27.72 -27.25
CA LYS A 431 1.80 -28.60 -28.10
C LYS A 431 0.61 -27.87 -28.73
N PRO A 432 0.24 -28.22 -29.96
CA PRO A 432 -0.94 -27.60 -30.57
C PRO A 432 -2.22 -28.21 -30.02
N LEU A 433 -3.12 -27.33 -29.56
CA LEU A 433 -4.40 -27.68 -28.97
C LEU A 433 -5.51 -27.04 -29.81
N PRO A 434 -6.75 -27.50 -29.67
CA PRO A 434 -7.86 -26.81 -30.33
C PRO A 434 -8.09 -25.41 -29.77
N SER A 435 -8.74 -24.59 -30.59
CA SER A 435 -8.96 -23.18 -30.28
C SER A 435 -10.18 -22.95 -29.38
N ASP A 436 -10.92 -24.01 -29.06
CA ASP A 436 -12.04 -23.92 -28.14
C ASP A 436 -11.64 -24.26 -26.71
N LEU A 437 -10.34 -24.22 -26.43
CA LEU A 437 -9.82 -24.53 -25.10
C LEU A 437 -10.21 -23.45 -24.11
N GLY A 438 -11.10 -23.77 -23.17
CA GLY A 438 -11.52 -22.80 -22.19
C GLY A 438 -12.85 -22.16 -22.53
N LYS A 439 -13.59 -22.76 -23.47
CA LYS A 439 -14.89 -22.22 -23.85
C LYS A 439 -15.96 -22.48 -22.81
N GLU A 440 -15.72 -23.39 -21.86
CA GLU A 440 -16.70 -23.68 -20.83
C GLU A 440 -16.55 -22.77 -19.62
N SER A 441 -15.49 -21.96 -19.58
CA SER A 441 -15.30 -20.99 -18.51
C SER A 441 -15.59 -19.57 -18.95
N ILE A 442 -15.80 -19.34 -20.24
CA ILE A 442 -16.29 -18.05 -20.72
C ILE A 442 -17.81 -18.03 -20.69
N ALA A 443 -18.46 -19.18 -20.90
CA ALA A 443 -19.90 -19.25 -20.83
C ALA A 443 -20.43 -19.13 -19.40
N ASN A 444 -19.57 -19.35 -18.41
CA ASN A 444 -19.96 -19.09 -17.03
C ASN A 444 -19.82 -17.61 -16.69
N LEU A 445 -18.88 -16.91 -17.34
CA LEU A 445 -18.77 -15.47 -17.21
C LEU A 445 -19.96 -14.73 -17.80
N ASP A 446 -20.60 -15.28 -18.82
CA ASP A 446 -21.74 -14.64 -19.46
C ASP A 446 -23.05 -14.96 -18.76
N LYS A 447 -23.14 -16.14 -18.13
CA LYS A 447 -24.36 -16.49 -17.41
C LYS A 447 -24.51 -15.69 -16.13
N LEU A 448 -23.40 -15.33 -15.49
CA LEU A 448 -23.39 -14.52 -14.27
C LEU A 448 -23.37 -13.03 -14.55
N ARG A 449 -23.36 -12.64 -15.81
CA ARG A 449 -23.37 -11.23 -16.21
C ARG A 449 -24.71 -10.80 -16.77
N ASN A 450 -25.36 -11.63 -17.56
CA ASN A 450 -26.74 -11.41 -17.98
C ASN A 450 -27.68 -12.22 -17.08
N ALA A 451 -27.77 -11.79 -15.83
CA ALA A 451 -28.57 -12.47 -14.82
C ALA A 451 -29.76 -11.58 -14.45
N ASN A 452 -30.89 -12.22 -14.16
CA ASN A 452 -32.10 -11.53 -13.71
C ASN A 452 -32.90 -12.48 -12.83
N GLY A 453 -32.75 -12.35 -11.52
CA GLY A 453 -33.45 -13.22 -10.60
C GLY A 453 -34.17 -12.48 -9.51
N SER A 454 -34.36 -13.14 -8.36
CA SER A 454 -35.06 -12.54 -7.24
C SER A 454 -34.16 -12.20 -6.07
N ARG A 455 -32.98 -12.78 -5.98
CA ARG A 455 -32.04 -12.50 -4.90
C ARG A 455 -30.80 -11.82 -5.46
N SER A 456 -30.32 -10.80 -4.74
CA SER A 456 -29.12 -10.11 -5.17
C SER A 456 -27.89 -10.84 -4.66
N THR A 457 -26.71 -10.38 -5.07
CA THR A 457 -25.47 -11.02 -4.67
C THR A 457 -25.16 -10.76 -3.21
N ALA A 458 -25.59 -9.62 -2.68
CA ALA A 458 -25.34 -9.28 -1.29
C ALA A 458 -26.40 -9.81 -0.34
N GLU A 459 -27.41 -10.52 -0.86
CA GLU A 459 -28.41 -11.17 -0.03
C GLU A 459 -28.08 -12.64 0.19
N ILE A 460 -27.58 -13.32 -0.83
CA ILE A 460 -27.15 -14.71 -0.69
C ILE A 460 -25.88 -14.79 0.14
N ARG A 461 -25.01 -13.78 0.04
CA ARG A 461 -23.78 -13.76 0.82
C ARG A 461 -24.02 -13.55 2.30
N MET A 462 -25.19 -13.04 2.69
CA MET A 462 -25.48 -12.92 4.11
C MET A 462 -26.04 -14.22 4.68
N ASN A 463 -26.69 -15.04 3.85
CA ASN A 463 -27.18 -16.32 4.33
C ASN A 463 -26.07 -17.35 4.50
N MET A 464 -24.94 -17.17 3.81
CA MET A 464 -23.82 -18.10 3.96
C MET A 464 -22.99 -17.76 5.18
N LYS A 465 -22.74 -16.46 5.41
CA LYS A 465 -21.91 -16.06 6.54
C LYS A 465 -22.63 -16.27 7.87
N GLN A 466 -23.96 -16.11 7.89
CA GLN A 466 -24.71 -16.35 9.12
C GLN A 466 -24.78 -17.83 9.46
N THR A 467 -24.83 -18.69 8.44
CA THR A 467 -24.96 -20.13 8.68
C THR A 467 -23.64 -20.71 9.19
N MET A 468 -22.52 -20.28 8.61
CA MET A 468 -21.22 -20.80 8.98
C MET A 468 -20.75 -20.34 10.35
N GLN A 469 -21.35 -19.30 10.92
CA GLN A 469 -20.92 -18.83 12.23
C GLN A 469 -21.65 -19.55 13.35
N LYS A 470 -22.91 -19.93 13.13
CA LYS A 470 -23.68 -20.60 14.17
C LYS A 470 -23.30 -22.07 14.31
N ASP A 471 -23.07 -22.77 13.19
CA ASP A 471 -23.00 -24.22 13.19
C ASP A 471 -21.57 -24.74 13.20
N VAL A 472 -20.71 -24.22 12.35
CA VAL A 472 -19.28 -24.57 12.40
C VAL A 472 -18.62 -23.53 13.28
N SER A 473 -18.72 -23.76 14.59
CA SER A 473 -18.22 -22.87 15.62
C SER A 473 -16.94 -23.43 16.21
N VAL A 474 -16.51 -22.83 17.32
CA VAL A 474 -15.40 -23.40 18.10
C VAL A 474 -15.82 -24.73 18.70
N PHE A 475 -17.07 -24.85 19.16
CA PHE A 475 -17.59 -26.07 19.74
C PHE A 475 -18.65 -26.66 18.80
N ARG A 476 -18.45 -27.91 18.38
CA ARG A 476 -19.32 -28.58 17.42
C ARG A 476 -19.84 -29.89 18.00
N THR A 477 -20.99 -30.34 17.50
CA THR A 477 -21.58 -31.61 17.89
C THR A 477 -22.35 -32.18 16.71
N GLN A 478 -22.73 -33.45 16.83
CA GLN A 478 -23.46 -34.11 15.74
C GLN A 478 -24.97 -33.99 15.91
N SER A 479 -25.42 -32.77 16.15
CA SER A 479 -26.82 -32.40 15.95
C SER A 479 -26.99 -31.04 15.29
N SER A 480 -26.00 -30.16 15.41
CA SER A 480 -26.00 -28.88 14.69
C SER A 480 -25.15 -28.93 13.43
N LEU A 481 -24.15 -29.82 13.39
CA LEU A 481 -23.37 -30.02 12.18
C LEU A 481 -24.21 -30.60 11.06
N ASP A 482 -25.07 -31.57 11.40
CA ASP A 482 -25.95 -32.16 10.41
C ASP A 482 -27.07 -31.22 9.97
N GLU A 483 -27.30 -30.14 10.71
CA GLU A 483 -28.16 -29.07 10.26
C GLU A 483 -27.37 -27.99 9.54
N GLY A 484 -26.05 -27.97 9.69
CA GLY A 484 -25.21 -27.04 8.99
C GLY A 484 -24.88 -27.52 7.58
N VAL A 485 -24.92 -28.84 7.38
CA VAL A 485 -24.81 -29.37 6.03
C VAL A 485 -26.13 -29.21 5.29
N ARG A 486 -27.25 -29.41 6.00
CA ARG A 486 -28.57 -29.29 5.41
C ARG A 486 -28.92 -27.85 5.06
N ASN A 487 -28.39 -26.88 5.81
CA ASN A 487 -28.67 -25.48 5.51
C ASN A 487 -27.77 -24.95 4.40
N ILE A 488 -26.50 -25.38 4.38
CA ILE A 488 -25.58 -24.91 3.34
C ILE A 488 -25.89 -25.50 1.98
N THR A 489 -26.69 -26.56 1.91
CA THR A 489 -27.17 -27.05 0.63
C THR A 489 -28.35 -26.23 0.15
N ALA A 490 -29.14 -25.67 1.07
CA ALA A 490 -30.31 -24.89 0.69
C ALA A 490 -29.94 -23.51 0.18
N VAL A 491 -28.82 -22.95 0.62
CA VAL A 491 -28.39 -21.65 0.09
C VAL A 491 -27.75 -21.80 -1.28
N GLU A 492 -27.09 -22.92 -1.56
CA GLU A 492 -26.47 -23.13 -2.85
C GLU A 492 -27.49 -23.38 -3.96
N LYS A 493 -28.64 -23.96 -3.63
CA LYS A 493 -29.67 -24.17 -4.63
C LYS A 493 -30.36 -22.87 -5.04
N THR A 494 -30.25 -21.82 -4.24
CA THR A 494 -30.80 -20.51 -4.59
C THR A 494 -29.79 -19.62 -5.29
N PHE A 495 -28.63 -20.15 -5.66
CA PHE A 495 -27.68 -19.44 -6.49
C PHE A 495 -28.09 -19.41 -7.96
N ASP A 496 -29.11 -20.18 -8.34
CA ASP A 496 -29.58 -20.16 -9.72
C ASP A 496 -30.41 -18.92 -10.02
N ASP A 497 -30.83 -18.18 -8.99
CA ASP A 497 -31.59 -16.96 -9.19
C ASP A 497 -30.87 -15.74 -8.64
N VAL A 498 -29.58 -15.63 -8.90
CA VAL A 498 -28.83 -14.46 -8.47
C VAL A 498 -29.09 -13.33 -9.47
N LYS A 499 -28.95 -12.08 -9.01
CA LYS A 499 -29.29 -10.91 -9.79
C LYS A 499 -28.09 -9.98 -9.89
N THR A 500 -27.80 -9.52 -11.10
CA THR A 500 -26.65 -8.66 -11.38
C THR A 500 -27.13 -7.45 -12.16
N THR A 501 -26.77 -6.25 -11.69
CA THR A 501 -27.28 -5.00 -12.25
C THR A 501 -26.36 -4.38 -13.30
N ASP A 502 -25.06 -4.54 -13.18
CA ASP A 502 -24.10 -3.94 -14.11
C ASP A 502 -23.84 -4.89 -15.27
N ARG A 503 -24.04 -4.41 -16.50
CA ARG A 503 -23.91 -5.22 -17.70
C ARG A 503 -22.73 -4.78 -18.57
N SER A 504 -21.75 -4.12 -17.97
CA SER A 504 -20.57 -3.67 -18.69
C SER A 504 -19.40 -4.61 -18.41
N MET A 505 -18.33 -4.45 -19.18
CA MET A 505 -17.14 -5.27 -19.02
C MET A 505 -15.94 -4.51 -18.48
N ILE A 506 -16.00 -3.19 -18.41
CA ILE A 506 -14.91 -2.37 -17.93
C ILE A 506 -15.17 -2.10 -16.45
N TRP A 507 -14.40 -2.79 -15.62
CA TRP A 507 -14.47 -2.66 -14.15
C TRP A 507 -15.87 -3.01 -13.64
N ASN A 508 -16.41 -4.15 -14.05
CA ASN A 508 -17.68 -4.63 -13.53
C ASN A 508 -17.40 -5.21 -12.15
N SER A 509 -17.46 -4.36 -11.13
CA SER A 509 -17.21 -4.81 -9.77
C SER A 509 -18.40 -5.55 -9.18
N ASP A 510 -19.54 -5.54 -9.85
CA ASP A 510 -20.66 -6.39 -9.46
C ASP A 510 -20.49 -7.80 -10.01
N LEU A 511 -19.81 -7.96 -11.14
CA LEU A 511 -19.48 -9.28 -11.65
C LEU A 511 -18.38 -9.95 -10.84
N VAL A 512 -17.33 -9.19 -10.52
CA VAL A 512 -16.16 -9.75 -9.82
C VAL A 512 -16.52 -10.19 -8.42
N GLU A 513 -17.40 -9.46 -7.75
CA GLU A 513 -17.86 -9.87 -6.44
C GLU A 513 -18.98 -10.90 -6.49
N THR A 514 -19.39 -11.33 -7.69
CA THR A 514 -20.29 -12.47 -7.82
C THR A 514 -19.51 -13.75 -8.13
N LEU A 515 -18.39 -13.62 -8.85
CA LEU A 515 -17.50 -14.76 -9.03
C LEU A 515 -16.79 -15.14 -7.74
N GLU A 516 -16.62 -14.19 -6.82
CA GLU A 516 -16.05 -14.52 -5.51
C GLU A 516 -17.07 -15.22 -4.62
N LEU A 517 -18.36 -15.09 -4.93
CA LEU A 517 -19.37 -15.83 -4.20
C LEU A 517 -19.49 -17.27 -4.71
N GLN A 518 -19.19 -17.48 -6.00
CA GLN A 518 -19.18 -18.83 -6.54
C GLN A 518 -18.00 -19.63 -6.00
N ASN A 519 -16.90 -18.96 -5.69
CA ASN A 519 -15.72 -19.63 -5.14
C ASN A 519 -15.87 -19.89 -3.64
N LEU A 520 -16.62 -19.03 -2.94
CA LEU A 520 -16.80 -19.21 -1.50
C LEU A 520 -17.76 -20.34 -1.18
N LEU A 521 -18.74 -20.61 -2.04
CA LEU A 521 -19.68 -21.69 -1.78
C LEU A 521 -19.04 -23.05 -2.00
N THR A 522 -17.95 -23.12 -2.77
CA THR A 522 -17.27 -24.40 -2.97
C THR A 522 -16.36 -24.72 -1.80
N CYS A 523 -15.76 -23.71 -1.16
CA CYS A 523 -14.96 -23.95 0.02
C CYS A 523 -15.77 -23.98 1.30
N ALA A 524 -17.06 -23.65 1.26
CA ALA A 524 -17.92 -23.73 2.43
C ALA A 524 -18.85 -24.93 2.42
N SER A 525 -19.01 -25.58 1.28
CA SER A 525 -19.80 -26.81 1.24
C SER A 525 -18.94 -28.06 1.42
N GLN A 526 -17.64 -27.89 1.65
CA GLN A 526 -16.76 -29.00 1.95
C GLN A 526 -16.18 -28.93 3.36
N THR A 527 -16.10 -27.73 3.94
CA THR A 527 -15.76 -27.60 5.34
C THR A 527 -16.84 -28.20 6.23
N ALA A 528 -18.11 -27.95 5.90
CA ALA A 528 -19.21 -28.47 6.71
C ALA A 528 -19.37 -29.98 6.57
N VAL A 529 -19.04 -30.53 5.40
CA VAL A 529 -19.13 -31.98 5.24
C VAL A 529 -17.99 -32.68 5.96
N SER A 530 -16.76 -32.16 5.83
CA SER A 530 -15.60 -32.78 6.47
C SER A 530 -15.60 -32.63 7.98
N ALA A 531 -16.17 -31.55 8.52
CA ALA A 531 -16.23 -31.37 9.96
C ALA A 531 -17.29 -32.24 10.61
N ALA A 532 -18.32 -32.64 9.87
CA ALA A 532 -19.34 -33.53 10.38
C ALA A 532 -19.02 -34.99 10.14
N ASN A 533 -17.76 -35.31 9.84
CA ASN A 533 -17.38 -36.69 9.55
C ASN A 533 -16.05 -37.04 10.19
N ARG A 534 -15.61 -36.28 11.19
CA ARG A 534 -14.42 -36.61 11.97
C ARG A 534 -14.82 -36.65 13.44
N LYS A 535 -14.89 -37.86 13.99
CA LYS A 535 -15.35 -38.08 15.36
C LYS A 535 -14.12 -38.18 16.26
N GLU A 536 -13.59 -37.01 16.62
CA GLU A 536 -12.29 -36.89 17.26
C GLU A 536 -12.17 -35.48 17.81
N SER A 537 -11.18 -35.27 18.68
CA SER A 537 -10.89 -33.96 19.24
C SER A 537 -9.39 -33.73 19.19
N ARG A 538 -8.89 -33.14 18.11
CA ARG A 538 -7.50 -32.74 18.02
C ARG A 538 -7.41 -31.36 17.42
N GLY A 539 -6.40 -30.60 17.85
CA GLY A 539 -6.07 -29.34 17.20
C GLY A 539 -7.13 -28.28 17.42
N ALA A 540 -7.64 -27.73 16.32
CA ALA A 540 -8.72 -26.76 16.36
C ALA A 540 -10.09 -27.38 16.09
N HIS A 541 -10.17 -28.70 15.97
CA HIS A 541 -11.43 -29.39 15.76
C HIS A 541 -11.79 -30.12 17.04
N ALA A 542 -12.62 -29.51 17.87
CA ALA A 542 -13.00 -30.07 19.16
C ALA A 542 -14.47 -30.45 19.11
N ARG A 543 -14.74 -31.76 19.22
CA ARG A 543 -16.10 -32.27 19.21
C ARG A 543 -16.56 -32.46 20.66
N GLU A 544 -17.79 -32.04 20.93
CA GLU A 544 -18.33 -32.18 22.28
C GLU A 544 -18.71 -33.63 22.57
N ASP A 545 -19.20 -34.35 21.55
CA ASP A 545 -19.72 -35.69 21.77
C ASP A 545 -18.58 -36.71 21.84
N TYR A 546 -17.49 -36.48 21.10
CA TYR A 546 -16.31 -37.33 21.14
C TYR A 546 -15.16 -36.53 21.71
N PRO A 547 -14.97 -36.49 23.03
CA PRO A 547 -13.94 -35.64 23.63
C PRO A 547 -12.56 -36.25 23.74
N ASN A 548 -12.26 -37.33 23.03
CA ASN A 548 -11.00 -38.03 23.18
C ASN A 548 -10.21 -38.00 21.86
N ARG A 549 -8.89 -37.87 21.99
CA ARG A 549 -7.99 -37.85 20.85
C ARG A 549 -7.65 -39.28 20.45
N ASP A 550 -7.57 -39.53 19.15
CA ASP A 550 -7.28 -40.86 18.63
C ASP A 550 -5.92 -40.88 17.95
N ASP A 551 -5.12 -41.89 18.27
CA ASP A 551 -3.84 -42.13 17.62
C ASP A 551 -3.81 -43.46 16.90
N GLU A 552 -4.97 -44.11 16.74
CA GLU A 552 -5.04 -45.41 16.12
C GLU A 552 -6.00 -45.49 14.95
N HIS A 553 -7.09 -44.72 14.95
CA HIS A 553 -8.10 -44.80 13.92
C HIS A 553 -8.30 -43.52 13.13
N TRP A 554 -7.93 -42.37 13.69
CA TRP A 554 -8.19 -41.08 13.07
C TRP A 554 -6.91 -40.27 12.91
N MET A 555 -5.79 -40.94 12.67
CA MET A 555 -4.56 -40.23 12.29
C MET A 555 -4.37 -40.29 10.78
N LYS A 556 -5.25 -39.59 10.07
CA LYS A 556 -5.26 -39.55 8.62
C LYS A 556 -5.92 -38.27 8.15
N HIS A 557 -5.48 -37.77 7.01
CA HIS A 557 -6.06 -36.57 6.43
C HIS A 557 -7.37 -36.89 5.73
N THR A 558 -8.10 -35.84 5.34
CA THR A 558 -9.39 -35.99 4.68
C THR A 558 -9.36 -35.27 3.34
N LEU A 559 -9.62 -36.01 2.26
CA LEU A 559 -9.69 -35.46 0.92
C LEU A 559 -11.16 -35.32 0.51
N SER A 560 -11.46 -34.33 -0.31
CA SER A 560 -12.84 -34.03 -0.66
C SER A 560 -12.96 -33.60 -2.12
N TRP A 561 -14.03 -34.06 -2.78
CA TRP A 561 -14.29 -33.78 -4.18
C TRP A 561 -15.64 -33.12 -4.33
N GLN A 562 -15.71 -32.06 -5.14
CA GLN A 562 -16.96 -31.41 -5.49
C GLN A 562 -16.78 -30.68 -6.80
N LYS A 563 -17.62 -30.98 -7.79
CA LYS A 563 -17.40 -30.45 -9.13
C LYS A 563 -17.84 -28.99 -9.23
N ASP A 564 -19.12 -28.72 -9.07
CA ASP A 564 -19.64 -27.35 -9.12
C ASP A 564 -20.46 -27.06 -7.87
N VAL A 565 -21.08 -25.89 -7.80
CA VAL A 565 -22.06 -25.65 -6.76
C VAL A 565 -23.32 -26.46 -7.08
N ALA A 566 -24.03 -26.86 -6.03
CA ALA A 566 -25.15 -27.81 -6.08
C ALA A 566 -24.73 -29.12 -6.75
N ALA A 567 -23.76 -29.79 -6.12
CA ALA A 567 -23.24 -31.07 -6.56
C ALA A 567 -22.77 -31.82 -5.32
N PRO A 568 -22.92 -33.14 -5.28
CA PRO A 568 -22.60 -33.87 -4.05
C PRO A 568 -21.11 -33.94 -3.76
N VAL A 569 -20.79 -34.13 -2.48
CA VAL A 569 -19.42 -34.11 -1.99
C VAL A 569 -19.07 -35.51 -1.48
N THR A 570 -17.94 -36.04 -1.93
CA THR A 570 -17.45 -37.35 -1.52
C THR A 570 -16.17 -37.19 -0.72
N LEU A 571 -15.77 -38.25 -0.03
CA LEU A 571 -14.62 -38.22 0.87
C LEU A 571 -13.79 -39.50 0.76
N LYS A 572 -12.48 -39.33 0.71
CA LYS A 572 -11.50 -40.40 0.87
C LYS A 572 -10.38 -39.89 1.77
N TYR A 573 -9.48 -40.78 2.17
CA TYR A 573 -8.46 -40.43 3.15
C TYR A 573 -7.09 -40.85 2.65
N ARG A 574 -6.05 -40.23 3.21
CA ARG A 574 -4.67 -40.58 2.91
C ARG A 574 -3.86 -40.59 4.20
N ARG A 575 -2.78 -41.37 4.19
CA ARG A 575 -2.01 -41.63 5.39
C ARG A 575 -0.97 -40.53 5.64
N VAL A 576 -0.73 -40.26 6.91
CA VAL A 576 0.19 -39.22 7.33
C VAL A 576 1.62 -39.79 7.42
N ILE A 577 2.58 -39.01 6.94
CA ILE A 577 3.99 -39.43 6.96
C ILE A 577 4.54 -39.23 8.36
N ASP A 578 5.17 -40.29 8.90
CA ASP A 578 5.71 -40.27 10.25
C ASP A 578 7.23 -40.47 10.28
N HIS A 579 7.89 -40.41 9.13
CA HIS A 579 9.33 -40.59 9.07
C HIS A 579 9.99 -39.32 8.55
N THR A 580 11.30 -39.27 8.66
CA THR A 580 12.07 -38.06 8.41
C THR A 580 12.77 -38.17 7.05
N LEU A 581 13.36 -37.06 6.59
CA LEU A 581 14.16 -37.07 5.38
C LEU A 581 15.47 -37.84 5.56
N ASP A 582 15.96 -37.96 6.79
CA ASP A 582 17.17 -38.72 7.07
C ASP A 582 17.10 -39.11 8.55
N GLU A 583 17.42 -40.36 8.85
CA GLU A 583 17.30 -40.83 10.22
C GLU A 583 18.48 -40.43 11.09
N LYS A 584 19.67 -40.29 10.51
CA LYS A 584 20.85 -39.98 11.31
C LYS A 584 20.92 -38.50 11.64
N GLU A 585 20.46 -37.64 10.72
CA GLU A 585 20.51 -36.20 10.95
C GLU A 585 19.55 -35.77 12.06
N CYS A 586 18.32 -36.27 12.02
CA CYS A 586 17.39 -36.01 13.11
C CYS A 586 16.50 -37.22 13.34
N PRO A 587 16.36 -37.68 14.58
CA PRO A 587 15.45 -38.79 14.86
C PRO A 587 14.01 -38.35 14.84
N SER A 588 13.12 -39.29 14.52
CA SER A 588 11.69 -39.01 14.53
C SER A 588 11.19 -38.86 15.95
N VAL A 589 10.06 -38.18 16.11
CA VAL A 589 9.48 -37.87 17.41
C VAL A 589 8.21 -38.69 17.59
N PRO A 590 8.12 -39.53 18.62
CA PRO A 590 6.96 -40.42 18.77
C PRO A 590 5.80 -39.70 19.44
N PRO A 591 4.57 -40.16 19.22
CA PRO A 591 3.42 -39.46 19.79
C PRO A 591 3.27 -39.73 21.28
N THR A 592 3.03 -38.66 22.04
CA THR A 592 2.71 -38.75 23.46
C THR A 592 1.41 -38.00 23.70
N VAL A 593 1.04 -37.81 24.96
CA VAL A 593 -0.12 -37.00 25.31
C VAL A 593 0.29 -35.52 25.28
N ARG A 594 -0.52 -34.70 24.62
CA ARG A 594 -0.21 -33.29 24.45
C ARG A 594 -0.82 -32.48 25.59
N ALA A 595 0.04 -31.79 26.34
CA ALA A 595 -0.41 -30.94 27.44
C ALA A 595 0.65 -29.85 27.62
N TYR A 596 0.20 -28.61 27.71
CA TYR A 596 1.12 -27.49 27.85
C TYR A 596 1.28 -27.08 29.30
N THR B 1 -36.06 6.20 15.45
CA THR B 1 -36.14 7.29 14.49
C THR B 1 -34.90 7.27 13.60
N PRO B 2 -35.04 7.15 12.29
CA PRO B 2 -33.85 7.09 11.43
C PRO B 2 -33.23 8.45 11.18
N ARG B 3 -31.90 8.47 11.18
CA ARG B 3 -31.13 9.65 10.81
C ARG B 3 -30.57 9.45 9.40
N LEU B 4 -30.64 10.51 8.59
CA LEU B 4 -30.24 10.43 7.19
C LEU B 4 -29.22 11.50 6.89
N LYS B 5 -28.05 11.11 6.41
CA LYS B 5 -27.08 12.04 5.85
C LYS B 5 -27.37 12.18 4.35
N THR B 6 -26.47 12.84 3.63
CA THR B 6 -26.58 12.94 2.18
C THR B 6 -25.17 12.83 1.60
N PHE B 7 -24.80 11.63 1.16
CA PHE B 7 -23.51 11.41 0.54
C PHE B 7 -23.60 11.69 -0.94
N LYS B 8 -22.68 12.51 -1.45
CA LYS B 8 -22.67 12.90 -2.86
C LYS B 8 -21.43 12.32 -3.51
N VAL B 9 -21.62 11.33 -4.39
CA VAL B 9 -20.52 10.59 -4.98
C VAL B 9 -20.37 10.97 -6.44
N TYR B 10 -19.15 11.31 -6.84
CA TYR B 10 -18.79 11.56 -8.22
C TYR B 10 -19.02 10.31 -9.06
N ARG B 11 -19.66 10.46 -10.22
CA ARG B 11 -20.06 9.33 -11.04
C ARG B 11 -19.69 9.54 -12.50
N TRP B 12 -19.09 8.53 -13.12
CA TRP B 12 -18.89 8.48 -14.55
C TRP B 12 -19.10 7.04 -15.02
N ASN B 13 -19.42 6.88 -16.30
CA ASN B 13 -19.75 5.56 -16.84
C ASN B 13 -19.16 5.44 -18.24
N PRO B 14 -18.15 4.57 -18.45
CA PRO B 14 -17.38 4.63 -19.69
C PRO B 14 -18.07 4.08 -20.92
N ASP B 15 -19.09 3.25 -20.80
CA ASP B 15 -19.77 2.77 -21.99
C ASP B 15 -20.77 3.77 -22.54
N GLU B 16 -21.05 4.85 -21.81
CA GLU B 16 -21.81 6.00 -22.30
C GLU B 16 -20.93 7.22 -22.13
N PRO B 17 -19.84 7.33 -22.88
CA PRO B 17 -18.84 8.38 -22.61
C PRO B 17 -19.25 9.78 -23.04
N SER B 18 -20.34 9.90 -23.81
CA SER B 18 -20.80 11.21 -24.24
C SER B 18 -21.43 11.98 -23.08
N ALA B 19 -21.92 11.28 -22.06
CA ALA B 19 -22.41 11.94 -20.87
C ALA B 19 -21.25 12.55 -20.08
N LYS B 20 -21.57 13.51 -19.23
CA LYS B 20 -20.57 14.24 -18.49
C LYS B 20 -20.53 13.78 -17.04
N PRO B 21 -19.37 13.89 -16.37
CA PRO B 21 -19.28 13.45 -14.98
C PRO B 21 -20.06 14.35 -14.03
N HIS B 22 -20.95 13.73 -13.27
CA HIS B 22 -21.85 14.46 -12.38
C HIS B 22 -21.86 13.78 -11.02
N LEU B 23 -22.57 14.41 -10.09
CA LEU B 23 -22.64 13.95 -8.71
C LEU B 23 -24.01 13.36 -8.42
N GLN B 24 -24.03 12.18 -7.80
CA GLN B 24 -25.26 11.52 -7.42
C GLN B 24 -25.35 11.46 -5.90
N SER B 25 -26.56 11.56 -5.37
CA SER B 25 -26.78 11.74 -3.94
C SER B 25 -27.64 10.63 -3.37
N TYR B 26 -27.18 10.05 -2.26
CA TYR B 26 -27.88 8.96 -1.58
C TYR B 26 -28.25 9.39 -0.17
N GLN B 27 -29.25 8.70 0.39
CA GLN B 27 -29.75 8.95 1.74
C GLN B 27 -29.47 7.72 2.58
N VAL B 28 -28.36 7.73 3.33
CA VAL B 28 -27.94 6.58 4.12
C VAL B 28 -28.53 6.68 5.52
N ASP B 29 -29.21 5.63 5.95
CA ASP B 29 -29.69 5.55 7.33
C ASP B 29 -28.50 5.44 8.27
N LEU B 30 -28.32 6.42 9.13
CA LEU B 30 -27.10 6.55 9.91
C LEU B 30 -27.04 5.56 11.08
N ASN B 31 -28.18 5.03 11.53
CA ASN B 31 -28.17 4.08 12.63
C ASN B 31 -27.67 2.71 12.19
N ASP B 32 -27.99 2.29 10.96
CA ASP B 32 -27.55 0.99 10.45
C ASP B 32 -26.26 1.11 9.65
N CYS B 33 -25.22 1.68 10.25
CA CYS B 33 -23.96 1.84 9.55
C CYS B 33 -22.84 1.87 10.57
N GLY B 34 -21.61 1.76 10.07
CA GLY B 34 -20.45 1.83 10.91
C GLY B 34 -20.04 3.27 11.15
N PRO B 35 -18.90 3.48 11.79
CA PRO B 35 -18.41 4.85 12.05
C PRO B 35 -17.46 5.40 11.01
N MET B 36 -17.24 4.72 9.90
CA MET B 36 -16.28 5.16 8.89
C MET B 36 -17.00 5.45 7.58
N VAL B 37 -16.25 6.01 6.62
CA VAL B 37 -16.86 6.33 5.33
C VAL B 37 -16.92 5.10 4.44
N LEU B 38 -15.96 4.17 4.58
CA LEU B 38 -16.02 2.93 3.81
C LEU B 38 -17.20 2.06 4.20
N ASP B 39 -17.59 2.10 5.49
CA ASP B 39 -18.77 1.38 5.91
C ASP B 39 -20.06 1.99 5.37
N ALA B 40 -20.03 3.26 5.00
CA ALA B 40 -21.16 3.91 4.37
C ALA B 40 -21.06 3.96 2.86
N LEU B 41 -20.00 3.41 2.28
CA LEU B 41 -19.92 3.24 0.83
C LEU B 41 -20.26 1.82 0.42
N LEU B 42 -20.07 0.84 1.30
CA LEU B 42 -20.49 -0.52 1.04
C LEU B 42 -21.97 -0.73 1.27
N LYS B 43 -22.58 0.05 2.17
CA LYS B 43 -24.01 -0.07 2.42
C LYS B 43 -24.81 0.48 1.25
N ILE B 44 -24.28 1.50 0.56
CA ILE B 44 -24.89 2.00 -0.67
C ILE B 44 -24.82 0.96 -1.78
N LYS B 45 -23.73 0.21 -1.86
CA LYS B 45 -23.58 -0.77 -2.93
C LYS B 45 -24.48 -1.99 -2.77
N ASP B 46 -24.85 -2.34 -1.53
CA ASP B 46 -25.66 -3.53 -1.28
C ASP B 46 -27.16 -3.26 -1.32
N GLU B 47 -27.64 -2.29 -0.54
CA GLU B 47 -29.07 -2.04 -0.39
C GLU B 47 -29.59 -0.98 -1.34
N GLN B 48 -28.78 -0.48 -2.23
CA GLN B 48 -29.09 0.59 -3.17
C GLN B 48 -28.28 0.33 -4.43
N ASP B 49 -28.01 1.38 -5.21
CA ASP B 49 -27.24 1.34 -6.45
C ASP B 49 -25.97 0.50 -6.36
N SER B 50 -25.91 -0.58 -7.13
CA SER B 50 -24.81 -1.52 -7.11
C SER B 50 -23.85 -1.33 -8.28
N THR B 51 -23.99 -0.25 -9.04
CA THR B 51 -23.05 0.10 -10.08
C THR B 51 -21.96 1.04 -9.58
N LEU B 52 -21.88 1.26 -8.28
CA LEU B 52 -20.84 2.09 -7.69
C LEU B 52 -19.56 1.27 -7.60
N THR B 53 -18.47 1.79 -8.15
CA THR B 53 -17.19 1.08 -8.18
C THR B 53 -16.16 1.84 -7.36
N PHE B 54 -15.40 1.11 -6.56
CA PHE B 54 -14.30 1.68 -5.79
C PHE B 54 -13.37 0.55 -5.39
N ARG B 55 -12.23 0.92 -4.80
CA ARG B 55 -11.21 -0.04 -4.39
C ARG B 55 -11.15 -0.12 -2.87
N ARG B 56 -11.13 -1.34 -2.34
CA ARG B 56 -11.02 -1.56 -0.91
C ARG B 56 -10.41 -2.94 -0.67
N SER B 57 -9.55 -3.04 0.32
CA SER B 57 -9.01 -4.37 0.58
C SER B 57 -9.04 -4.80 2.03
N CYS B 58 -8.69 -3.92 2.97
CA CYS B 58 -8.34 -4.39 4.31
C CYS B 58 -9.08 -3.73 5.46
N ARG B 59 -9.83 -2.66 5.21
CA ARG B 59 -10.59 -1.85 6.19
C ARG B 59 -9.77 -1.45 7.44
N GLU B 60 -8.46 -1.36 7.34
CA GLU B 60 -7.61 -1.17 8.50
C GLU B 60 -6.72 0.06 8.40
N GLY B 61 -6.28 0.43 7.20
CA GLY B 61 -5.46 1.61 7.04
C GLY B 61 -3.98 1.32 6.86
N ILE B 62 -3.66 0.11 6.38
CA ILE B 62 -2.27 -0.33 6.26
C ILE B 62 -1.98 -0.85 4.87
N CYS B 63 -3.02 -0.86 4.00
CA CYS B 63 -2.84 -1.33 2.61
C CYS B 63 -2.68 -0.12 1.69
N GLY B 64 -3.52 0.90 1.83
CA GLY B 64 -3.41 2.10 1.03
C GLY B 64 -4.15 1.99 -0.28
N SER B 65 -5.41 1.56 -0.24
CA SER B 65 -6.18 1.36 -1.44
C SER B 65 -7.53 2.05 -1.45
N CYS B 66 -7.89 2.77 -0.39
CA CYS B 66 -9.10 3.58 -0.35
C CYS B 66 -8.80 5.06 -0.48
N ALA B 67 -7.78 5.42 -1.24
CA ALA B 67 -7.40 6.82 -1.37
C ALA B 67 -8.43 7.56 -2.19
N MET B 68 -9.10 8.53 -1.57
CA MET B 68 -10.00 9.42 -2.29
C MET B 68 -10.01 10.76 -1.58
N ASN B 69 -10.86 11.66 -2.05
CA ASN B 69 -10.90 13.04 -1.56
C ASN B 69 -12.23 13.25 -0.83
N ILE B 70 -12.19 13.19 0.49
CA ILE B 70 -13.38 13.19 1.33
C ILE B 70 -13.43 14.54 2.05
N GLY B 71 -14.33 15.41 1.61
CA GLY B 71 -14.50 16.70 2.24
C GLY B 71 -13.61 17.80 1.70
N GLY B 72 -12.57 17.43 0.94
CA GLY B 72 -11.64 18.41 0.41
C GLY B 72 -10.20 17.97 0.55
N ARG B 73 -9.89 17.23 1.61
CA ARG B 73 -8.55 16.70 1.82
C ARG B 73 -8.45 15.28 1.27
N ASN B 74 -7.22 14.82 1.07
CA ASN B 74 -6.93 13.48 0.59
C ASN B 74 -6.63 12.60 1.80
N THR B 75 -7.43 11.55 2.00
CA THR B 75 -7.27 10.65 3.12
C THR B 75 -7.73 9.25 2.71
N LEU B 76 -7.58 8.30 3.62
CA LEU B 76 -8.01 6.93 3.41
C LEU B 76 -9.42 6.76 3.93
N ALA B 77 -10.29 6.14 3.13
CA ALA B 77 -11.71 6.12 3.44
C ALA B 77 -12.09 5.10 4.50
N CYS B 78 -11.16 4.29 4.99
CA CYS B 78 -11.46 3.31 6.02
C CYS B 78 -11.16 3.82 7.42
N ILE B 79 -10.48 4.95 7.54
CA ILE B 79 -10.15 5.54 8.84
C ILE B 79 -10.63 6.98 8.97
N CYS B 80 -11.47 7.46 8.06
CA CYS B 80 -12.08 8.76 8.18
C CYS B 80 -13.47 8.61 8.79
N LYS B 81 -13.73 9.36 9.85
CA LYS B 81 -14.99 9.25 10.57
C LYS B 81 -16.04 10.12 9.91
N ILE B 82 -17.29 9.67 9.98
CA ILE B 82 -18.42 10.46 9.49
C ILE B 82 -18.85 11.42 10.59
N ASP B 83 -19.17 12.64 10.20
CA ASP B 83 -19.68 13.62 11.14
C ASP B 83 -21.10 13.24 11.51
N GLN B 84 -21.33 12.92 12.78
CA GLN B 84 -22.65 12.48 13.24
C GLN B 84 -23.57 13.70 13.28
N ASN B 85 -24.11 14.03 12.12
CA ASN B 85 -24.95 15.20 11.95
C ASN B 85 -25.82 14.97 10.72
N GLU B 86 -27.11 14.74 10.93
CA GLU B 86 -28.01 14.46 9.82
C GLU B 86 -28.43 15.70 9.05
N SER B 87 -27.95 16.89 9.43
CA SER B 87 -28.32 18.12 8.73
C SER B 87 -27.34 18.45 7.62
N LYS B 88 -26.04 18.27 7.86
CA LYS B 88 -25.05 18.57 6.84
C LYS B 88 -24.80 17.36 5.95
N GLN B 89 -24.22 17.62 4.78
CA GLN B 89 -23.98 16.61 3.76
C GLN B 89 -22.48 16.37 3.61
N LEU B 90 -22.12 15.54 2.62
CA LEU B 90 -20.74 15.14 2.43
C LEU B 90 -20.51 14.86 0.95
N LYS B 91 -19.39 15.36 0.43
CA LYS B 91 -19.04 15.21 -0.97
C LYS B 91 -17.82 14.31 -1.09
N ILE B 92 -17.96 13.21 -1.81
CA ILE B 92 -16.89 12.23 -2.00
C ILE B 92 -16.41 12.32 -3.44
N TYR B 93 -15.12 12.57 -3.61
CA TYR B 93 -14.48 12.79 -4.90
C TYR B 93 -13.33 11.81 -5.07
N PRO B 94 -12.80 11.60 -6.27
CA PRO B 94 -11.57 10.82 -6.40
C PRO B 94 -10.34 11.66 -6.11
N LEU B 95 -9.14 11.09 -6.29
CA LEU B 95 -7.92 11.87 -6.13
C LEU B 95 -7.84 12.93 -7.23
N PRO B 96 -7.45 14.16 -6.91
CA PRO B 96 -7.59 15.25 -7.86
C PRO B 96 -6.50 15.22 -8.93
N HIS B 97 -6.91 15.61 -10.15
CA HIS B 97 -6.07 15.65 -11.35
C HIS B 97 -5.45 14.29 -11.65
N MET B 98 -6.32 13.30 -11.84
CA MET B 98 -5.94 11.99 -12.35
C MET B 98 -6.93 11.60 -13.43
N PHE B 99 -6.50 10.75 -14.34
CA PHE B 99 -7.40 10.25 -15.38
C PHE B 99 -8.27 9.16 -14.79
N ILE B 100 -9.58 9.39 -14.80
CA ILE B 100 -10.53 8.59 -14.04
C ILE B 100 -11.00 7.42 -14.89
N VAL B 101 -10.91 6.21 -14.34
CA VAL B 101 -11.30 5.02 -15.10
C VAL B 101 -12.81 4.80 -15.06
N LYS B 102 -13.40 4.50 -13.90
CA LYS B 102 -14.85 4.41 -13.89
C LYS B 102 -15.57 5.40 -12.98
N ASP B 103 -15.44 5.26 -11.66
CA ASP B 103 -16.16 6.16 -10.76
C ASP B 103 -15.24 6.91 -9.82
N LEU B 104 -14.59 6.15 -8.94
CA LEU B 104 -13.63 6.66 -7.96
C LEU B 104 -12.31 5.93 -8.10
N VAL B 105 -12.08 5.38 -9.29
CA VAL B 105 -10.90 4.58 -9.58
C VAL B 105 -10.00 5.38 -10.51
N PRO B 106 -8.87 5.90 -10.04
CA PRO B 106 -7.97 6.62 -10.93
C PRO B 106 -7.11 5.67 -11.75
N ASP B 107 -6.28 6.24 -12.61
CA ASP B 107 -5.30 5.47 -13.36
C ASP B 107 -3.93 5.75 -12.76
N LEU B 108 -3.50 4.86 -11.87
CA LEU B 108 -2.21 4.98 -11.20
C LEU B 108 -1.19 4.14 -11.96
N THR B 109 -1.04 4.43 -13.25
CA THR B 109 -0.07 3.73 -14.07
C THR B 109 1.23 4.51 -14.23
N ASN B 110 1.14 5.83 -14.34
CA ASN B 110 2.34 6.66 -14.29
C ASN B 110 3.01 6.62 -12.93
N PHE B 111 2.24 6.39 -11.86
CA PHE B 111 2.79 6.34 -10.51
C PHE B 111 3.62 5.09 -10.29
N TYR B 112 3.28 3.98 -10.94
CA TYR B 112 4.05 2.75 -10.77
C TYR B 112 5.30 2.74 -11.64
N GLN B 113 5.25 3.42 -12.79
CA GLN B 113 6.42 3.49 -13.65
C GLN B 113 7.49 4.39 -13.08
N GLN B 114 7.13 5.36 -12.25
CA GLN B 114 8.10 6.25 -11.62
C GLN B 114 8.76 5.63 -10.40
N TYR B 115 8.06 4.72 -9.70
CA TYR B 115 8.64 4.03 -8.57
C TYR B 115 9.68 3.00 -9.00
N LYS B 116 9.59 2.49 -10.23
CA LYS B 116 10.56 1.53 -10.72
C LYS B 116 11.87 2.18 -11.14
N SER B 117 11.88 3.49 -11.39
CA SER B 117 13.06 4.14 -11.92
C SER B 117 14.08 4.49 -10.84
N ILE B 118 13.65 4.56 -9.57
CA ILE B 118 14.57 4.91 -8.50
C ILE B 118 15.35 3.72 -7.97
N GLN B 119 15.16 2.53 -8.55
CA GLN B 119 15.82 1.27 -8.21
C GLN B 119 15.70 0.93 -6.74
N PRO B 120 14.53 0.48 -6.27
CA PRO B 120 14.32 0.25 -4.83
C PRO B 120 14.82 -1.11 -4.35
N TYR B 121 16.12 -1.35 -4.48
CA TYR B 121 16.71 -2.57 -3.96
C TYR B 121 18.12 -2.28 -3.48
N LEU B 122 18.62 -3.15 -2.61
CA LEU B 122 19.95 -2.95 -2.03
C LEU B 122 21.02 -3.28 -3.07
N GLN B 123 22.05 -2.45 -3.12
CA GLN B 123 23.08 -2.58 -4.15
C GLN B 123 24.46 -2.70 -3.51
N ARG B 124 24.57 -3.57 -2.52
CA ARG B 124 25.87 -3.88 -1.95
C ARG B 124 26.70 -4.70 -2.93
N SER B 125 28.01 -4.68 -2.73
CA SER B 125 28.95 -5.33 -3.63
C SER B 125 29.64 -6.54 -3.02
N SER B 126 30.05 -6.47 -1.76
CA SER B 126 30.79 -7.55 -1.12
C SER B 126 30.14 -7.89 0.21
N PHE B 127 29.67 -9.13 0.33
CA PHE B 127 28.95 -9.61 1.50
C PHE B 127 29.94 -10.15 2.53
N PRO B 128 29.47 -10.45 3.78
CA PRO B 128 30.36 -11.10 4.76
C PRO B 128 30.95 -12.44 4.34
N LYS B 129 31.99 -12.86 5.06
CA LYS B 129 32.78 -14.02 4.64
C LYS B 129 32.16 -15.33 5.12
N ASP B 130 31.77 -15.40 6.39
CA ASP B 130 31.26 -16.65 6.94
C ASP B 130 29.83 -16.95 6.52
N GLY B 131 29.14 -15.99 5.91
CA GLY B 131 27.78 -16.21 5.44
C GLY B 131 26.69 -15.76 6.38
N THR B 132 27.00 -14.94 7.37
CA THR B 132 25.99 -14.39 8.27
C THR B 132 25.51 -13.05 7.74
N GLU B 133 24.75 -12.32 8.57
CA GLU B 133 24.07 -11.11 8.11
C GLU B 133 25.04 -9.93 8.08
N VAL B 134 24.52 -8.75 7.71
CA VAL B 134 25.31 -7.54 7.57
C VAL B 134 25.16 -6.71 8.84
N LEU B 135 26.28 -6.30 9.42
CA LEU B 135 26.29 -5.55 10.66
C LEU B 135 25.80 -4.12 10.44
N GLN B 136 25.01 -3.63 11.40
CA GLN B 136 24.48 -2.28 11.33
C GLN B 136 24.17 -1.84 12.76
N SER B 137 24.78 -0.74 13.19
CA SER B 137 24.64 -0.26 14.56
C SER B 137 23.24 0.30 14.80
N ILE B 138 22.93 0.54 16.07
CA ILE B 138 21.59 0.96 16.44
C ILE B 138 21.34 2.42 16.07
N GLU B 139 22.37 3.26 16.14
CA GLU B 139 22.18 4.66 15.76
C GLU B 139 22.07 4.83 14.25
N ASP B 140 22.62 3.90 13.48
CA ASP B 140 22.39 3.89 12.04
C ASP B 140 21.06 3.26 11.66
N ARG B 141 20.46 2.50 12.57
CA ARG B 141 19.14 1.94 12.32
C ARG B 141 18.07 3.00 12.53
N LYS B 142 18.28 3.89 13.49
CA LYS B 142 17.30 4.91 13.86
C LYS B 142 17.14 5.99 12.79
N LYS B 143 18.05 6.03 11.82
CA LYS B 143 17.88 6.97 10.71
C LYS B 143 16.75 6.56 9.79
N LEU B 144 16.42 5.27 9.75
CA LEU B 144 15.40 4.77 8.85
C LEU B 144 13.98 4.95 9.38
N ASP B 145 13.82 5.39 10.61
CA ASP B 145 12.49 5.50 11.20
C ASP B 145 11.72 6.66 10.57
N GLY B 146 10.47 6.38 10.20
CA GLY B 146 9.65 7.35 9.51
C GLY B 146 9.80 7.38 8.02
N LEU B 147 10.54 6.44 7.43
CA LEU B 147 10.73 6.38 5.99
C LEU B 147 10.27 5.07 5.37
N TYR B 148 10.41 3.95 6.08
CA TYR B 148 10.01 2.65 5.55
C TYR B 148 8.57 2.30 5.87
N GLU B 149 7.84 3.21 6.50
CA GLU B 149 6.46 2.96 6.89
C GLU B 149 5.45 3.51 5.89
N CYS B 150 5.91 3.94 4.73
CA CYS B 150 5.02 4.43 3.69
C CYS B 150 4.27 3.28 3.04
N ILE B 151 2.99 3.50 2.74
CA ILE B 151 2.14 2.43 2.23
C ILE B 151 1.80 2.61 0.75
N LEU B 152 2.34 3.64 0.10
CA LEU B 152 2.20 3.92 -1.33
C LEU B 152 0.73 4.09 -1.73
N CYS B 153 0.12 5.12 -1.15
CA CYS B 153 -1.27 5.46 -1.40
C CYS B 153 -1.45 6.61 -2.37
N ALA B 154 -0.40 7.41 -2.60
CA ALA B 154 -0.39 8.57 -3.50
C ALA B 154 -1.40 9.63 -3.10
N CYS B 155 -1.63 9.81 -1.79
CA CYS B 155 -2.39 10.96 -1.31
C CYS B 155 -1.53 12.19 -1.17
N CYS B 156 -0.20 12.04 -1.11
CA CYS B 156 0.67 13.20 -1.03
C CYS B 156 1.07 13.69 -2.41
N SER B 157 1.19 12.78 -3.38
CA SER B 157 1.52 13.19 -4.74
C SER B 157 0.37 13.97 -5.37
N THR B 158 -0.86 13.50 -5.21
CA THR B 158 -2.02 14.19 -5.76
C THR B 158 -2.61 15.17 -4.75
N SER B 159 -1.74 15.97 -4.15
CA SER B 159 -2.13 17.16 -3.42
C SER B 159 -1.16 18.30 -3.69
N CYS B 160 -0.07 17.99 -4.39
CA CYS B 160 1.00 18.97 -4.70
C CYS B 160 0.71 19.67 -6.01
N PRO B 161 0.48 20.99 -6.04
CA PRO B 161 0.23 21.74 -7.27
C PRO B 161 1.37 21.66 -8.27
N SER B 162 2.60 21.38 -7.84
CA SER B 162 3.69 21.21 -8.79
C SER B 162 3.63 19.86 -9.49
N TYR B 163 2.91 18.91 -8.92
CA TYR B 163 2.69 17.61 -9.55
C TYR B 163 1.39 17.56 -10.32
N TRP B 164 0.51 18.53 -10.12
CA TRP B 164 -0.78 18.53 -10.81
C TRP B 164 -0.60 18.75 -12.31
N TRP B 165 0.41 19.55 -12.64
CA TRP B 165 0.62 19.95 -14.05
C TRP B 165 1.72 19.11 -14.68
N ASN B 166 2.91 19.10 -14.10
CA ASN B 166 4.11 18.46 -14.62
C ASN B 166 4.26 17.09 -13.99
N GLN B 167 3.32 16.17 -14.25
CA GLN B 167 3.42 14.84 -13.67
C GLN B 167 4.05 13.81 -14.58
N GLU B 168 4.31 14.15 -15.84
CA GLU B 168 5.06 13.23 -16.69
C GLU B 168 6.56 13.33 -16.48
N GLN B 169 7.04 14.32 -15.74
CA GLN B 169 8.47 14.50 -15.57
C GLN B 169 8.89 14.62 -14.12
N TYR B 170 8.07 15.24 -13.28
CA TYR B 170 8.40 15.39 -11.86
C TYR B 170 7.91 14.17 -11.09
N LEU B 171 8.77 13.66 -10.21
CA LEU B 171 8.56 12.36 -9.60
C LEU B 171 7.49 12.38 -8.52
N GLY B 172 7.37 13.49 -7.80
CA GLY B 172 6.37 13.60 -6.78
C GLY B 172 6.93 13.31 -5.41
N PRO B 173 6.22 13.76 -4.36
CA PRO B 173 6.75 13.60 -2.99
C PRO B 173 6.69 12.19 -2.44
N ALA B 174 5.94 11.27 -3.07
CA ALA B 174 5.86 9.91 -2.57
C ALA B 174 7.07 9.09 -3.02
N VAL B 175 7.51 9.29 -4.25
CA VAL B 175 8.66 8.57 -4.78
C VAL B 175 9.95 9.15 -4.23
N LEU B 176 10.03 10.46 -4.05
CA LEU B 176 11.26 11.11 -3.60
C LEU B 176 11.58 10.85 -2.13
N MET B 177 10.64 10.32 -1.36
CA MET B 177 11.00 9.84 -0.03
C MET B 177 11.56 8.43 -0.11
N GLN B 178 11.12 7.63 -1.07
CA GLN B 178 11.70 6.30 -1.26
C GLN B 178 13.05 6.38 -1.97
N ALA B 179 13.36 7.51 -2.59
CA ALA B 179 14.72 7.73 -3.05
C ALA B 179 15.62 8.23 -1.93
N TYR B 180 15.03 8.56 -0.78
CA TYR B 180 15.79 8.93 0.40
C TYR B 180 15.97 7.77 1.36
N ARG B 181 15.11 6.75 1.26
CA ARG B 181 15.25 5.57 2.12
C ARG B 181 16.50 4.78 1.75
N TRP B 182 16.91 4.83 0.48
CA TRP B 182 18.08 4.12 0.02
C TRP B 182 19.33 5.01 -0.03
N LEU B 183 19.19 6.29 0.25
CA LEU B 183 20.32 7.20 0.30
C LEU B 183 20.98 7.27 1.67
N ILE B 184 20.21 7.12 2.75
CA ILE B 184 20.79 7.13 4.09
C ILE B 184 20.86 5.75 4.70
N ASP B 185 20.70 4.70 3.90
CA ASP B 185 20.96 3.36 4.40
C ASP B 185 22.46 3.15 4.51
N SER B 186 22.89 2.59 5.64
CA SER B 186 24.33 2.45 5.86
C SER B 186 24.92 1.30 5.05
N ARG B 187 24.12 0.29 4.74
CA ARG B 187 24.59 -0.86 3.96
C ARG B 187 24.19 -0.72 2.50
N ASP B 188 24.72 0.30 1.84
CA ASP B 188 24.38 0.56 0.44
C ASP B 188 25.62 1.20 -0.19
N GLN B 189 26.30 0.42 -1.04
CA GLN B 189 27.53 0.89 -1.67
C GLN B 189 27.32 1.48 -3.06
N ALA B 190 26.10 1.93 -3.36
CA ALA B 190 25.83 2.57 -4.65
C ALA B 190 25.01 3.83 -4.36
N THR B 191 25.71 4.95 -4.19
CA THR B 191 25.07 6.22 -3.91
C THR B 191 25.55 7.32 -4.85
N LYS B 192 26.59 7.07 -5.64
CA LYS B 192 27.02 8.01 -6.67
C LYS B 192 26.23 7.87 -7.97
N THR B 193 25.37 6.87 -8.07
CA THR B 193 24.46 6.71 -9.19
C THR B 193 23.03 7.11 -8.81
N ARG B 194 22.70 7.13 -7.52
CA ARG B 194 21.39 7.61 -7.09
C ARG B 194 21.33 9.13 -7.13
N LYS B 195 22.43 9.80 -6.85
CA LYS B 195 22.51 11.26 -7.01
C LYS B 195 23.05 11.65 -8.37
N ALA B 196 22.53 11.04 -9.42
CA ALA B 196 22.81 11.46 -10.79
C ALA B 196 21.58 11.45 -11.67
N MET B 197 20.51 10.79 -11.26
CA MET B 197 19.23 10.82 -11.95
C MET B 197 18.31 11.91 -11.41
N LEU B 198 18.70 12.58 -10.33
CA LEU B 198 17.95 13.68 -9.76
C LEU B 198 18.61 15.02 -10.04
N ASN B 199 19.72 15.04 -10.77
CA ASN B 199 20.51 16.24 -10.99
C ASN B 199 20.17 16.92 -12.31
N ASN B 200 18.97 16.74 -12.82
CA ASN B 200 18.49 17.44 -14.00
C ASN B 200 17.41 18.43 -13.57
N SER B 201 16.74 19.03 -14.55
CA SER B 201 15.88 20.17 -14.27
C SER B 201 14.58 19.78 -13.59
N MET B 202 13.87 18.76 -14.11
CA MET B 202 12.60 18.35 -13.52
C MET B 202 12.67 16.86 -13.18
N SER B 203 13.29 16.54 -12.06
CA SER B 203 13.03 15.28 -11.38
C SER B 203 12.84 15.57 -9.91
N LEU B 204 13.64 16.49 -9.40
CA LEU B 204 13.63 16.90 -8.01
C LEU B 204 13.38 18.38 -7.83
N TYR B 205 13.97 19.22 -8.70
CA TYR B 205 13.85 20.66 -8.53
C TYR B 205 12.61 21.22 -9.20
N ARG B 206 11.46 20.62 -8.92
CA ARG B 206 10.18 21.29 -9.05
C ARG B 206 9.54 21.46 -7.70
N CYS B 207 10.25 21.05 -6.65
CA CYS B 207 9.72 21.25 -5.28
C CYS B 207 9.91 22.70 -4.91
N HIS B 208 8.82 23.42 -4.69
CA HIS B 208 8.80 24.81 -4.28
C HIS B 208 8.47 24.98 -2.80
N THR B 209 8.48 23.87 -2.03
CA THR B 209 8.27 23.82 -0.59
C THR B 209 6.90 24.37 -0.20
N ILE B 210 5.86 24.08 -1.04
CA ILE B 210 4.42 24.40 -0.74
C ILE B 210 4.00 23.14 -0.02
N MET B 211 4.13 23.05 1.28
CA MET B 211 4.08 21.77 1.99
C MET B 211 2.64 21.29 2.20
N ASN B 212 2.00 20.89 1.10
CA ASN B 212 0.75 20.15 1.21
C ASN B 212 0.98 18.71 1.62
N CYS B 213 2.03 18.08 1.10
CA CYS B 213 2.23 16.62 1.31
C CYS B 213 2.32 16.25 2.79
N THR B 214 3.07 16.98 3.60
CA THR B 214 3.13 16.68 5.03
C THR B 214 1.78 16.86 5.71
N ARG B 215 0.97 17.81 5.25
CA ARG B 215 -0.33 18.12 5.83
C ARG B 215 -1.34 16.98 5.64
N THR B 216 -1.34 16.34 4.47
CA THR B 216 -2.36 15.34 4.15
C THR B 216 -1.81 13.92 4.05
N CYS B 217 -0.83 13.55 4.88
CA CYS B 217 -0.39 12.18 4.94
C CYS B 217 -1.13 11.47 6.05
N PRO B 218 -1.93 10.45 5.77
CA PRO B 218 -2.71 9.78 6.82
C PRO B 218 -1.92 8.87 7.74
N LYS B 219 -0.61 8.73 7.55
CA LYS B 219 0.21 7.94 8.45
C LYS B 219 1.13 8.79 9.31
N GLY B 220 1.05 10.11 9.20
CA GLY B 220 1.85 10.98 10.04
C GLY B 220 3.31 11.05 9.67
N LEU B 221 3.65 10.76 8.42
CA LEU B 221 5.03 10.83 7.95
C LEU B 221 5.38 12.24 7.53
N ASN B 222 6.63 12.43 7.14
CA ASN B 222 7.15 13.73 6.72
C ASN B 222 7.81 13.59 5.35
N PRO B 223 7.02 13.62 4.27
CA PRO B 223 7.61 13.53 2.93
C PRO B 223 8.14 14.85 2.41
N GLY B 224 7.98 15.94 3.15
CA GLY B 224 8.49 17.23 2.70
C GLY B 224 9.85 17.54 3.28
N LEU B 225 10.09 17.07 4.51
CA LEU B 225 11.41 17.20 5.10
C LEU B 225 12.42 16.30 4.42
N ALA B 226 11.96 15.16 3.89
CA ALA B 226 12.89 14.23 3.25
C ALA B 226 13.20 14.63 1.82
N ILE B 227 12.63 15.73 1.33
CA ILE B 227 13.04 16.27 0.04
C ILE B 227 14.07 17.37 0.24
N ALA B 228 13.92 18.17 1.30
CA ALA B 228 14.89 19.22 1.59
C ALA B 228 16.13 18.69 2.29
N GLU B 229 16.22 17.39 2.53
CA GLU B 229 17.48 16.76 2.91
C GLU B 229 18.21 16.17 1.72
N ILE B 230 17.53 15.97 0.59
CA ILE B 230 18.20 15.56 -0.65
C ILE B 230 18.87 16.74 -1.31
N LYS B 231 18.23 17.92 -1.23
CA LYS B 231 18.79 19.13 -1.84
C LYS B 231 20.08 19.55 -1.14
N LYS B 232 20.17 19.33 0.16
CA LYS B 232 21.42 19.58 0.86
C LYS B 232 22.44 18.51 0.53
N SER B 233 21.98 17.32 0.16
CA SER B 233 22.91 16.23 -0.17
C SER B 233 23.56 16.45 -1.52
N LEU B 234 22.82 16.99 -2.50
CA LEU B 234 23.38 17.24 -3.82
C LEU B 234 24.27 18.48 -3.83
N ALA B 235 23.98 19.47 -2.98
CA ALA B 235 24.70 20.72 -3.02
C ALA B 235 26.07 20.60 -2.34
N PHE B 236 26.07 20.29 -1.05
CA PHE B 236 27.31 20.25 -0.27
C PHE B 236 27.96 18.89 -0.44
N MET C 1 6.90 -14.43 -32.00
CA MET C 1 5.67 -13.84 -32.53
C MET C 1 4.44 -14.54 -31.94
N ASN C 2 4.41 -14.62 -30.62
CA ASN C 2 3.19 -14.93 -29.89
C ASN C 2 2.93 -13.99 -28.72
N THR C 3 3.95 -13.56 -27.99
CA THR C 3 3.79 -12.61 -26.90
C THR C 3 4.06 -11.18 -27.35
N LYS C 4 4.72 -11.01 -28.50
CA LYS C 4 4.83 -9.71 -29.15
C LYS C 4 3.60 -9.36 -29.97
N ALA C 5 2.55 -10.18 -29.91
CA ALA C 5 1.21 -9.77 -30.33
C ALA C 5 0.40 -9.20 -29.17
N ALA C 6 1.07 -8.68 -28.16
CA ALA C 6 0.46 -7.85 -27.14
C ALA C 6 0.40 -6.38 -27.55
N ILE C 7 0.73 -6.08 -28.80
CA ILE C 7 0.40 -4.79 -29.39
C ILE C 7 -1.00 -4.78 -29.98
N ALA C 8 -1.72 -5.92 -29.91
CA ALA C 8 -3.16 -5.91 -30.09
C ALA C 8 -3.87 -5.54 -28.81
N GLU C 9 -3.12 -5.49 -27.70
CA GLU C 9 -3.65 -4.96 -26.44
C GLU C 9 -3.52 -3.45 -26.39
N GLU C 10 -2.45 -2.90 -26.96
CA GLU C 10 -2.23 -1.45 -26.92
C GLU C 10 -3.13 -0.72 -27.90
N GLN C 11 -3.70 -1.41 -28.88
CA GLN C 11 -4.56 -0.73 -29.84
C GLN C 11 -6.01 -0.68 -29.40
N ILE C 12 -6.42 -1.51 -28.44
CA ILE C 12 -7.75 -1.45 -27.87
C ILE C 12 -7.78 -0.63 -26.58
N LEU C 13 -6.71 -0.67 -25.78
CA LEU C 13 -6.58 0.17 -24.60
C LEU C 13 -6.41 1.64 -24.94
N ASN C 14 -5.67 1.98 -26.01
CA ASN C 14 -5.47 3.38 -26.34
C ASN C 14 -6.67 4.01 -27.05
N LYS C 15 -7.72 3.23 -27.35
CA LYS C 15 -8.96 3.84 -27.78
C LYS C 15 -9.86 4.13 -26.58
N GLN C 16 -9.67 3.38 -25.49
CA GLN C 16 -10.36 3.66 -24.24
C GLN C 16 -9.67 4.73 -23.40
N ARG C 17 -8.38 4.96 -23.62
CA ARG C 17 -7.65 5.97 -22.87
C ARG C 17 -7.91 7.39 -23.38
N ALA C 18 -8.64 7.55 -24.47
CA ALA C 18 -8.83 8.88 -25.04
C ALA C 18 -10.14 9.52 -24.61
N ARG C 19 -10.99 8.75 -23.95
CA ARG C 19 -12.30 9.26 -23.52
C ARG C 19 -12.31 9.46 -22.00
N ARG C 20 -11.16 9.35 -21.33
CA ARG C 20 -11.12 9.48 -19.88
C ARG C 20 -11.06 10.95 -19.47
N PRO C 21 -11.85 11.36 -18.48
CA PRO C 21 -11.80 12.74 -18.02
C PRO C 21 -10.74 12.92 -16.95
N ILE C 22 -10.49 14.19 -16.62
CA ILE C 22 -9.58 14.55 -15.54
C ILE C 22 -10.43 14.99 -14.36
N SER C 23 -10.10 14.48 -13.17
CA SER C 23 -10.84 14.85 -11.97
C SER C 23 -10.54 16.30 -11.61
N PRO C 24 -11.50 17.00 -10.98
CA PRO C 24 -11.28 18.40 -10.64
C PRO C 24 -10.23 18.56 -9.54
N HIS C 25 -9.30 19.48 -9.77
CA HIS C 25 -8.15 19.66 -8.90
C HIS C 25 -8.24 20.92 -8.07
N LEU C 26 -8.42 22.07 -8.71
CA LEU C 26 -8.89 23.27 -8.02
C LEU C 26 -10.40 23.16 -7.92
N THR C 27 -11.01 24.13 -7.22
CA THR C 27 -12.45 24.29 -6.97
C THR C 27 -13.08 23.16 -6.16
N ILE C 28 -12.32 22.14 -5.77
CA ILE C 28 -12.79 21.15 -4.80
C ILE C 28 -11.86 21.02 -3.61
N TYR C 29 -10.60 21.44 -3.69
CA TYR C 29 -9.67 21.25 -2.59
C TYR C 29 -9.91 22.30 -1.52
N GLN C 30 -9.78 21.89 -0.27
CA GLN C 30 -10.15 22.80 0.81
C GLN C 30 -9.04 23.81 1.05
N PRO C 31 -9.38 25.02 1.50
CA PRO C 31 -8.35 26.04 1.70
C PRO C 31 -7.54 25.78 2.96
N GLN C 32 -6.23 25.64 2.80
CA GLN C 32 -5.32 25.46 3.91
C GLN C 32 -4.34 26.62 3.94
N LEU C 33 -3.50 26.63 4.97
CA LEU C 33 -2.52 27.71 5.11
C LEU C 33 -1.22 27.34 4.43
N THR C 34 -1.08 26.10 3.97
CA THR C 34 0.13 25.71 3.27
C THR C 34 0.14 26.27 1.84
N TRP C 35 -0.93 26.04 1.08
CA TRP C 35 -0.96 26.44 -0.31
C TRP C 35 -1.61 27.80 -0.54
N TYR C 36 -1.94 28.55 0.51
CA TYR C 36 -2.36 29.93 0.31
C TYR C 36 -1.20 30.90 0.49
N LEU C 37 -0.43 30.75 1.58
CA LEU C 37 0.71 31.61 1.82
C LEU C 37 1.86 31.39 0.84
N SER C 38 1.91 30.24 0.18
CA SER C 38 2.89 30.01 -0.86
C SER C 38 2.43 30.48 -2.22
N SER C 39 1.14 30.83 -2.35
CA SER C 39 0.64 31.47 -3.56
C SER C 39 0.80 32.98 -3.53
N PHE C 40 0.72 33.58 -2.34
CA PHE C 40 0.93 35.04 -2.19
C PHE C 40 2.44 35.32 -2.26
N HIS C 41 3.33 34.33 -2.10
CA HIS C 41 4.74 34.55 -2.29
C HIS C 41 5.08 34.68 -3.77
N ARG C 42 4.40 33.94 -4.63
CA ARG C 42 4.72 33.97 -6.08
C ARG C 42 3.89 35.03 -6.77
N ILE C 43 2.75 35.42 -6.20
CA ILE C 43 1.99 36.52 -6.76
C ILE C 43 2.69 37.84 -6.49
N SER C 44 3.36 37.96 -5.34
CA SER C 44 4.03 39.20 -4.95
C SER C 44 5.21 39.52 -5.87
N LEU C 45 5.98 38.51 -6.24
CA LEU C 45 7.16 38.74 -7.07
C LEU C 45 6.83 38.92 -8.54
N VAL C 46 5.68 38.42 -8.98
CA VAL C 46 5.27 38.63 -10.36
C VAL C 46 4.78 40.06 -10.56
N LEU C 47 3.98 40.57 -9.63
CA LEU C 47 3.48 41.94 -9.76
C LEU C 47 4.58 42.97 -9.51
N MET C 48 5.44 42.73 -8.53
CA MET C 48 6.52 43.66 -8.27
C MET C 48 7.66 43.49 -9.28
N GLY C 49 7.73 42.35 -9.94
CA GLY C 49 8.72 42.18 -11.00
C GLY C 49 8.30 42.90 -12.27
N LEU C 50 6.99 42.99 -12.52
CA LEU C 50 6.51 43.78 -13.65
C LEU C 50 6.61 45.26 -13.37
N GLY C 51 6.71 45.64 -12.10
CA GLY C 51 6.92 47.03 -11.73
C GLY C 51 8.38 47.39 -11.69
N PHE C 52 9.23 46.40 -11.94
CA PHE C 52 10.66 46.61 -12.05
C PHE C 52 11.17 46.47 -13.47
N TYR C 53 10.48 45.71 -14.32
CA TYR C 53 10.85 45.56 -15.72
C TYR C 53 10.20 46.60 -16.61
N LEU C 54 9.24 47.37 -16.09
CA LEU C 54 8.58 48.41 -16.86
C LEU C 54 9.06 49.82 -16.50
N PHE C 55 9.85 49.96 -15.44
CA PHE C 55 10.49 51.23 -15.11
C PHE C 55 11.98 51.24 -15.44
N THR C 56 12.55 50.09 -15.77
CA THR C 56 13.95 50.02 -16.18
C THR C 56 14.12 49.90 -17.68
N ILE C 57 13.20 49.23 -18.37
CA ILE C 57 13.18 49.21 -19.82
C ILE C 57 12.89 50.60 -20.37
N LEU C 58 12.05 51.37 -19.66
CA LEU C 58 11.70 52.73 -20.05
C LEU C 58 12.91 53.64 -20.08
N PHE C 59 13.79 53.52 -19.10
CA PHE C 59 15.03 54.29 -19.11
C PHE C 59 16.06 53.70 -20.05
N GLY C 60 15.94 52.44 -20.41
CA GLY C 60 16.89 51.81 -21.30
C GLY C 60 16.67 52.17 -22.75
N VAL C 61 15.39 52.19 -23.18
CA VAL C 61 15.08 52.56 -24.55
C VAL C 61 15.31 54.06 -24.77
N SER C 62 15.23 54.87 -23.72
CA SER C 62 15.53 56.29 -23.84
C SER C 62 17.02 56.52 -24.01
N GLY C 63 17.85 55.57 -23.57
CA GLY C 63 19.29 55.67 -23.76
C GLY C 63 19.76 55.34 -25.16
N LEU C 64 18.94 54.66 -25.96
CA LEU C 64 19.28 54.32 -27.34
C LEU C 64 18.42 55.12 -28.29
N LEU C 65 17.09 55.04 -28.18
CA LEU C 65 16.21 55.96 -28.87
C LEU C 65 16.19 57.26 -28.08
N GLY C 66 16.85 58.24 -28.61
CA GLY C 66 17.19 59.36 -27.76
C GLY C 66 16.05 60.30 -27.41
N LEU C 67 15.52 60.31 -26.26
CA LEU C 67 14.43 61.21 -25.88
C LEU C 67 14.81 62.02 -24.65
N GLY C 68 15.44 61.37 -23.68
CA GLY C 68 15.78 62.03 -22.43
C GLY C 68 14.64 61.96 -21.45
N LEU C 69 14.88 61.36 -20.27
CA LEU C 69 13.81 61.14 -19.30
C LEU C 69 14.43 61.17 -17.91
N THR C 70 14.29 62.31 -17.24
CA THR C 70 14.69 62.43 -15.86
C THR C 70 13.60 61.80 -14.98
N THR C 71 13.97 61.43 -13.76
CA THR C 71 13.00 60.91 -12.80
C THR C 71 11.98 61.96 -12.39
N GLU C 72 12.34 63.24 -12.52
CA GLU C 72 11.39 64.31 -12.25
C GLU C 72 10.31 64.37 -13.34
N LYS C 73 10.71 64.14 -14.60
CA LYS C 73 9.73 64.17 -15.68
C LYS C 73 8.83 62.93 -15.65
N VAL C 74 9.34 61.83 -15.10
CA VAL C 74 8.51 60.65 -14.91
C VAL C 74 7.51 60.89 -13.79
N SER C 75 7.96 61.55 -12.72
CA SER C 75 7.12 61.80 -11.55
C SER C 75 6.01 62.80 -11.86
N ASN C 76 6.31 63.82 -12.66
CA ASN C 76 5.28 64.78 -13.05
C ASN C 76 4.30 64.22 -14.05
N TRP C 77 4.63 63.12 -14.71
CA TRP C 77 3.69 62.44 -15.60
C TRP C 77 2.88 61.39 -14.85
N TYR C 78 3.42 60.83 -13.77
CA TYR C 78 2.71 59.84 -13.00
C TYR C 78 1.81 60.48 -11.95
N HIS C 79 2.21 61.64 -11.42
CA HIS C 79 1.36 62.30 -10.44
C HIS C 79 0.26 63.13 -11.08
N GLN C 80 0.17 63.18 -12.40
CA GLN C 80 -0.95 64.00 -12.95
C GLN C 80 -2.04 63.09 -13.48
N LYS C 81 -1.68 61.90 -13.98
CA LYS C 81 -2.68 60.99 -14.60
C LYS C 81 -3.73 60.57 -13.57
N PHE C 82 -3.32 60.31 -12.33
CA PHE C 82 -4.27 59.81 -11.31
C PHE C 82 -4.33 60.77 -10.13
N SER C 83 -5.30 60.56 -9.22
CA SER C 83 -5.42 61.43 -8.03
C SER C 83 -6.26 60.74 -6.95
N LYS C 84 -6.10 61.18 -5.70
CA LYS C 84 -6.93 60.63 -4.60
C LYS C 84 -7.03 59.11 -4.76
N ILE C 85 -8.22 58.52 -4.66
CA ILE C 85 -8.35 57.02 -4.66
C ILE C 85 -7.14 56.30 -5.29
N THR C 86 -7.01 56.30 -6.61
CA THR C 86 -5.97 55.58 -7.39
C THR C 86 -4.61 55.66 -6.69
N GLU C 87 -4.14 56.85 -6.35
CA GLU C 87 -2.86 57.00 -5.60
C GLU C 87 -3.00 56.42 -4.18
N TRP C 88 -4.21 56.36 -3.62
CA TRP C 88 -4.29 55.72 -2.33
C TRP C 88 -4.78 54.28 -2.44
N SER C 89 -4.93 53.78 -3.66
CA SER C 89 -5.20 52.38 -3.92
C SER C 89 -3.95 51.64 -4.36
N ILE C 90 -3.13 52.27 -5.19
CA ILE C 90 -1.82 51.72 -5.53
C ILE C 90 -0.89 51.71 -4.34
N LYS C 91 -0.87 52.79 -3.55
CA LYS C 91 -0.01 52.92 -2.38
C LYS C 91 -0.38 51.95 -1.27
N GLY C 92 -1.68 51.68 -1.10
CA GLY C 92 -2.09 50.79 -0.02
C GLY C 92 -1.98 49.32 -0.39
N SER C 93 -2.06 49.00 -1.68
CA SER C 93 -1.97 47.61 -2.11
C SER C 93 -0.52 47.16 -2.21
N PHE C 94 0.34 47.97 -2.85
CA PHE C 94 1.75 47.66 -2.98
C PHE C 94 2.52 47.68 -1.67
N ALA C 95 2.02 48.35 -0.64
CA ALA C 95 2.72 48.37 0.63
C ALA C 95 2.52 47.07 1.40
N TYR C 96 1.39 46.39 1.17
CA TYR C 96 1.16 45.09 1.77
C TYR C 96 1.71 43.97 0.92
N LEU C 97 1.93 44.19 -0.37
CA LEU C 97 2.56 43.20 -1.23
C LEU C 97 4.07 43.15 -1.07
N PHE C 98 4.66 44.13 -0.38
CA PHE C 98 6.08 44.12 -0.09
C PHE C 98 6.40 43.52 1.28
N ALA C 99 5.51 43.66 2.25
CA ALA C 99 5.76 43.08 3.56
C ALA C 99 5.56 41.58 3.57
N ILE C 100 4.66 41.07 2.72
CA ILE C 100 4.47 39.61 2.66
C ILE C 100 5.52 38.93 1.80
N HIS C 101 6.27 39.67 1.00
CA HIS C 101 7.39 39.06 0.30
C HIS C 101 8.71 39.23 1.04
N TYR C 102 8.83 40.24 1.89
CA TYR C 102 10.03 40.37 2.72
C TYR C 102 10.05 39.29 3.79
N GLY C 103 8.93 39.10 4.48
CA GLY C 103 8.87 38.06 5.50
C GLY C 103 8.80 36.66 4.91
N GLY C 104 8.41 36.56 3.64
CA GLY C 104 8.42 35.28 2.95
C GLY C 104 9.82 34.85 2.57
N ALA C 105 10.68 35.80 2.22
CA ALA C 105 12.03 35.47 1.79
C ALA C 105 12.88 34.98 2.94
N ILE C 106 12.67 35.54 4.14
CA ILE C 106 13.39 35.07 5.32
C ILE C 106 12.86 33.73 5.80
N ARG C 107 11.57 33.45 5.61
CA ARG C 107 10.97 32.17 5.95
C ARG C 107 11.53 31.04 5.09
N HIS C 108 11.75 31.28 3.80
CA HIS C 108 12.31 30.25 2.93
C HIS C 108 13.81 30.10 3.10
N LEU C 109 14.46 30.96 3.89
CA LEU C 109 15.87 30.74 4.19
C LEU C 109 16.05 29.71 5.29
N ILE C 110 15.13 29.69 6.25
CA ILE C 110 15.17 28.70 7.32
C ILE C 110 14.81 27.32 6.79
N TRP C 111 13.85 27.25 5.86
CA TRP C 111 13.39 25.99 5.29
C TRP C 111 14.40 25.36 4.35
N ASP C 112 15.42 26.10 3.92
CA ASP C 112 16.42 25.56 3.02
C ASP C 112 17.63 25.00 3.75
N THR C 113 17.67 25.12 5.08
CA THR C 113 18.66 24.45 5.91
C THR C 113 18.05 23.26 6.64
N ALA C 114 16.87 22.83 6.21
CA ALA C 114 16.07 21.75 6.83
C ALA C 114 15.79 22.01 8.30
N LYS C 115 15.43 23.24 8.62
CA LYS C 115 14.96 23.60 9.95
C LYS C 115 13.52 24.08 9.85
N GLU C 116 12.77 23.83 10.94
CA GLU C 116 11.36 24.24 11.10
C GLU C 116 10.48 23.62 10.01
N LEU C 117 10.81 22.41 9.59
CA LEU C 117 10.05 21.72 8.55
C LEU C 117 9.10 20.68 9.12
N THR C 118 8.91 20.66 10.44
CA THR C 118 7.86 19.84 11.02
C THR C 118 6.51 20.52 10.73
N LEU C 119 5.42 19.79 10.92
CA LEU C 119 4.10 20.40 10.77
C LEU C 119 3.82 21.43 11.86
N LYS C 120 4.50 21.34 13.00
CA LYS C 120 4.33 22.35 14.04
C LYS C 120 5.02 23.65 13.66
N GLY C 121 6.23 23.56 13.10
CA GLY C 121 6.95 24.75 12.70
C GLY C 121 6.45 25.40 11.42
N VAL C 122 5.74 24.65 10.59
CA VAL C 122 5.12 25.23 9.39
C VAL C 122 4.00 26.18 9.79
N TYR C 123 3.19 25.78 10.78
CA TYR C 123 2.15 26.64 11.30
C TYR C 123 2.64 27.59 12.38
N ARG C 124 3.94 27.63 12.66
CA ARG C 124 4.48 28.55 13.64
C ARG C 124 5.22 29.72 13.00
N THR C 125 5.97 29.48 11.92
CA THR C 125 6.53 30.53 11.11
C THR C 125 5.57 31.03 10.03
N GLY C 126 4.30 30.66 10.14
CA GLY C 126 3.28 31.11 9.21
C GLY C 126 2.25 31.96 9.90
N TYR C 127 2.14 31.82 11.23
CA TYR C 127 1.29 32.72 11.99
C TYR C 127 2.05 33.98 12.39
N ALA C 128 3.37 33.87 12.56
CA ALA C 128 4.18 35.05 12.83
C ALA C 128 4.40 35.89 11.58
N LEU C 129 4.05 35.38 10.41
CA LEU C 129 4.11 36.14 9.18
C LEU C 129 2.85 36.96 8.95
N ILE C 130 1.67 36.43 9.29
CA ILE C 130 0.41 37.15 9.12
C ILE C 130 0.33 38.40 9.98
N GLY C 131 0.82 38.36 11.21
CA GLY C 131 0.88 39.55 12.03
C GLY C 131 1.96 40.51 11.56
N PHE C 132 3.02 39.97 10.97
CA PHE C 132 4.13 40.79 10.50
C PHE C 132 3.76 41.66 9.31
N THR C 133 2.85 41.20 8.46
CA THR C 133 2.39 42.01 7.34
C THR C 133 1.37 43.05 7.75
N ALA C 134 0.92 43.03 9.00
CA ALA C 134 -0.03 44.00 9.50
C ALA C 134 0.62 45.05 10.40
N VAL C 135 1.90 44.88 10.74
CA VAL C 135 2.64 45.88 11.49
C VAL C 135 3.59 46.66 10.58
N LEU C 136 4.49 45.97 9.90
CA LEU C 136 5.46 46.65 9.05
C LEU C 136 4.82 47.16 7.77
N GLY C 137 3.71 46.56 7.35
CA GLY C 137 2.98 47.08 6.21
C GLY C 137 2.34 48.42 6.45
N THR C 138 1.91 48.71 7.68
CA THR C 138 1.28 50.00 7.96
C THR C 138 2.32 51.06 8.27
N TYR C 139 3.50 50.67 8.76
CA TYR C 139 4.56 51.63 9.01
C TYR C 139 5.08 52.20 7.69
N LEU C 140 5.07 51.41 6.62
CA LEU C 140 5.43 51.92 5.30
C LEU C 140 4.34 52.77 4.69
N LEU C 141 3.17 52.87 5.33
CA LEU C 141 2.07 53.68 4.80
C LEU C 141 1.93 55.01 5.52
N THR C 142 2.64 55.21 6.63
CA THR C 142 2.69 56.54 7.24
C THR C 142 3.94 57.30 6.82
N LEU C 143 4.83 56.64 6.08
CA LEU C 143 6.01 57.30 5.53
C LEU C 143 5.76 57.74 4.09
N LEU D 1 -0.83 29.70 -28.28
CA LEU D 1 0.31 29.01 -28.87
C LEU D 1 -0.13 27.70 -29.52
N PRO D 2 0.66 27.16 -30.44
CA PRO D 2 0.41 25.80 -30.93
C PRO D 2 0.78 24.75 -29.88
N VAL D 3 0.11 23.60 -29.98
CA VAL D 3 0.24 22.53 -29.00
C VAL D 3 0.71 21.27 -29.73
N LEU D 4 1.81 20.68 -29.25
CA LEU D 4 2.34 19.44 -29.78
C LEU D 4 1.39 18.28 -29.45
N PRO D 5 1.37 17.24 -30.29
CA PRO D 5 0.47 16.10 -30.01
C PRO D 5 0.91 15.32 -28.79
N GLN D 6 -0.05 15.01 -27.92
CA GLN D 6 0.20 14.52 -26.58
C GLN D 6 -0.03 13.02 -26.49
N LYS D 7 0.38 12.45 -25.37
CA LYS D 7 0.19 11.02 -25.12
C LYS D 7 -1.29 10.73 -24.88
N PRO D 8 -1.81 9.62 -25.40
CA PRO D 8 -3.24 9.35 -25.28
C PRO D 8 -3.62 8.89 -23.89
N GLY D 9 -3.88 9.83 -22.98
CA GLY D 9 -4.35 9.50 -21.66
C GLY D 9 -3.34 9.68 -20.56
N GLY D 10 -2.15 10.18 -20.87
CA GLY D 10 -1.16 10.45 -19.84
C GLY D 10 0.01 9.50 -19.89
N VAL D 11 -0.25 8.24 -20.19
CA VAL D 11 0.76 7.20 -20.12
C VAL D 11 0.73 6.41 -21.42
N ARG D 12 1.84 5.74 -21.71
CA ARG D 12 1.97 4.90 -22.91
C ARG D 12 2.73 3.65 -22.50
N GLY D 13 2.01 2.56 -22.28
CA GLY D 13 2.64 1.29 -22.00
C GLY D 13 1.97 0.57 -20.85
N THR D 14 2.75 -0.29 -20.20
CA THR D 14 2.35 -1.18 -19.13
C THR D 14 3.01 -0.75 -17.82
N PRO D 15 2.47 -1.15 -16.65
CA PRO D 15 3.09 -0.75 -15.38
C PRO D 15 4.45 -1.38 -15.08
N ASN D 16 5.02 -2.20 -15.96
CA ASN D 16 6.34 -2.77 -15.75
C ASN D 16 7.38 -2.26 -16.73
N ASP D 17 7.09 -1.15 -17.42
CA ASP D 17 8.11 -0.38 -18.10
C ASP D 17 8.74 0.58 -17.10
N ALA D 18 9.54 1.53 -17.56
CA ALA D 18 10.19 2.44 -16.65
C ALA D 18 10.27 3.82 -17.28
N TYR D 19 10.40 4.83 -16.43
CA TYR D 19 10.62 6.20 -16.85
C TYR D 19 12.12 6.42 -16.88
N VAL D 20 12.69 6.54 -18.08
CA VAL D 20 14.12 6.70 -18.21
C VAL D 20 14.49 8.16 -17.95
N PRO D 21 15.34 8.44 -16.96
CA PRO D 21 15.60 9.81 -16.57
C PRO D 21 16.59 10.48 -17.52
N PRO D 22 16.49 11.79 -17.70
CA PRO D 22 17.47 12.52 -18.50
C PRO D 22 18.83 12.53 -17.82
N PRO D 23 19.91 12.66 -18.58
CA PRO D 23 21.25 12.58 -17.98
C PRO D 23 21.59 13.80 -17.15
N GLU D 24 22.71 13.70 -16.45
CA GLU D 24 23.14 14.72 -15.49
C GLU D 24 23.51 16.00 -16.21
N ASN D 25 22.81 17.09 -15.89
CA ASN D 25 22.90 18.35 -16.59
C ASN D 25 23.01 19.49 -15.58
N LYS D 26 24.04 19.39 -14.72
CA LYS D 26 24.21 20.17 -13.48
C LYS D 26 24.03 21.68 -13.61
N LEU D 27 24.20 22.27 -14.80
CA LEU D 27 24.04 23.71 -14.97
C LEU D 27 22.59 24.16 -14.83
N GLU D 28 21.62 23.26 -14.86
CA GLU D 28 20.25 23.56 -14.46
C GLU D 28 19.80 22.70 -13.29
N GLY D 29 20.71 21.89 -12.74
CA GLY D 29 20.41 21.09 -11.58
C GLY D 29 20.91 21.75 -10.30
N SER D 30 22.03 21.28 -9.77
CA SER D 30 22.50 21.81 -8.49
C SER D 30 23.17 23.16 -8.62
N TYR D 31 23.72 23.49 -9.79
CA TYR D 31 24.36 24.80 -9.95
C TYR D 31 23.34 25.90 -10.11
N HIS D 32 22.17 25.60 -10.67
CA HIS D 32 21.09 26.57 -10.72
C HIS D 32 20.50 26.79 -9.33
N TRP D 33 20.66 25.81 -8.43
CA TRP D 33 20.21 25.99 -7.06
C TRP D 33 21.15 26.87 -6.26
N TYR D 34 22.41 27.00 -6.69
CA TYR D 34 23.33 27.92 -6.04
C TYR D 34 23.00 29.38 -6.36
N MET D 35 22.69 29.66 -7.63
CA MET D 35 22.43 31.03 -8.03
C MET D 35 21.12 31.57 -7.49
N GLU D 36 20.15 30.70 -7.19
CA GLU D 36 18.90 31.16 -6.60
C GLU D 36 19.07 31.54 -5.13
N LYS D 37 20.11 31.03 -4.46
CA LYS D 37 20.35 31.34 -3.05
C LYS D 37 21.37 32.45 -2.85
N ILE D 38 22.22 32.71 -3.84
CA ILE D 38 23.16 33.82 -3.72
C ILE D 38 22.44 35.15 -3.85
N PHE D 39 21.53 35.24 -4.83
CA PHE D 39 20.75 36.45 -5.03
C PHE D 39 19.73 36.68 -3.92
N ALA D 40 19.23 35.63 -3.29
CA ALA D 40 18.26 35.78 -2.21
C ALA D 40 18.89 36.04 -0.85
N LEU D 41 20.19 35.77 -0.69
CA LEU D 41 20.92 36.17 0.49
C LEU D 41 21.53 37.56 0.35
N SER D 42 21.36 38.22 -0.79
CA SER D 42 21.90 39.55 -1.00
C SER D 42 20.85 40.63 -1.13
N VAL D 43 19.59 40.28 -1.37
CA VAL D 43 18.56 41.31 -1.42
C VAL D 43 17.81 41.42 -0.10
N VAL D 44 18.02 40.49 0.82
CA VAL D 44 17.44 40.56 2.16
C VAL D 44 18.23 41.51 3.06
N PRO D 45 19.58 41.48 3.16
CA PRO D 45 20.21 42.50 4.00
C PRO D 45 20.23 43.88 3.38
N LEU D 46 20.41 43.99 2.06
CA LEU D 46 20.52 45.30 1.43
C LEU D 46 19.21 46.08 1.44
N ALA D 47 18.07 45.38 1.37
CA ALA D 47 16.80 46.06 1.55
C ALA D 47 16.55 46.45 3.00
N THR D 48 17.28 45.85 3.95
CA THR D 48 17.18 46.30 5.33
C THR D 48 18.03 47.56 5.56
N THR D 49 19.22 47.62 4.98
CA THR D 49 19.98 48.86 5.01
C THR D 49 19.69 49.73 3.78
N ALA D 50 18.41 49.86 3.49
CA ALA D 50 17.89 50.87 2.59
C ALA D 50 16.57 51.40 3.14
N MET D 51 16.05 50.80 4.20
CA MET D 51 14.89 51.26 4.93
C MET D 51 15.26 51.96 6.24
N LEU D 52 16.47 51.73 6.74
CA LEU D 52 16.90 52.38 7.96
C LEU D 52 17.55 53.73 7.72
N THR D 53 18.03 53.97 6.50
CA THR D 53 18.62 55.26 6.18
C THR D 53 17.51 56.28 5.91
N THR D 54 17.90 57.54 5.71
CA THR D 54 16.94 58.63 5.63
C THR D 54 16.98 59.43 4.34
N GLY D 55 17.81 59.05 3.37
CA GLY D 55 17.89 59.78 2.13
C GLY D 55 18.22 58.88 0.95
N PRO D 56 18.98 59.39 -0.01
CA PRO D 56 19.44 58.55 -1.12
C PRO D 56 20.64 57.73 -0.69
N LEU D 57 20.71 56.49 -1.18
CA LEU D 57 21.81 55.60 -0.83
C LEU D 57 23.10 56.05 -1.52
N SER D 58 24.22 55.56 -1.01
CA SER D 58 25.51 55.84 -1.62
C SER D 58 25.61 55.19 -3.00
N THR D 59 26.15 55.92 -3.96
CA THR D 59 26.07 55.57 -5.38
C THR D 59 26.80 54.29 -5.72
N ALA D 60 27.79 53.90 -4.92
CA ALA D 60 28.44 52.61 -5.13
C ALA D 60 27.61 51.50 -4.49
N ALA D 61 26.91 51.83 -3.41
CA ALA D 61 26.15 50.81 -2.70
C ALA D 61 24.83 50.51 -3.41
N ASP D 62 24.35 51.45 -4.22
CA ASP D 62 23.07 51.27 -4.88
C ASP D 62 23.19 50.39 -6.11
N SER D 63 24.34 50.43 -6.79
CA SER D 63 24.55 49.60 -7.97
C SER D 63 24.68 48.13 -7.58
N PHE D 64 25.21 47.86 -6.39
CA PHE D 64 25.26 46.51 -5.86
C PHE D 64 23.87 46.01 -5.52
N PHE D 65 23.01 46.91 -5.06
CA PHE D 65 21.63 46.53 -4.73
C PHE D 65 20.77 46.37 -5.97
N SER D 66 21.02 47.15 -7.01
CA SER D 66 20.15 47.16 -8.18
C SER D 66 20.56 46.18 -9.26
N VAL D 67 21.69 45.49 -9.10
CA VAL D 67 22.02 44.40 -10.02
C VAL D 67 21.79 43.05 -9.36
N MET D 68 21.77 42.99 -8.02
CA MET D 68 21.34 41.79 -7.32
C MET D 68 19.83 41.64 -7.33
N LEU D 69 19.10 42.73 -7.58
CA LEU D 69 17.65 42.68 -7.66
C LEU D 69 17.17 42.32 -9.06
N LEU D 70 18.05 42.37 -10.05
CA LEU D 70 17.71 41.86 -11.37
C LEU D 70 17.88 40.36 -11.44
N GLY D 71 18.89 39.81 -10.76
CA GLY D 71 19.03 38.36 -10.70
C GLY D 71 17.95 37.70 -9.86
N TYR D 72 17.42 38.42 -8.88
CA TYR D 72 16.33 37.88 -8.07
C TYR D 72 15.01 37.91 -8.84
N CYS D 73 14.88 38.82 -9.80
CA CYS D 73 13.67 38.89 -10.62
C CYS D 73 13.83 38.20 -11.97
N TYR D 74 15.03 37.75 -12.33
CA TYR D 74 15.17 36.92 -13.50
C TYR D 74 14.99 35.45 -13.14
N MET D 75 15.51 35.04 -12.00
CA MET D 75 15.38 33.66 -11.54
C MET D 75 13.97 33.30 -11.13
N GLU D 76 13.08 34.28 -10.93
CA GLU D 76 11.68 33.98 -10.69
C GLU D 76 10.95 33.67 -11.99
N PHE D 77 11.15 34.50 -13.01
CA PHE D 77 10.51 34.27 -14.30
C PHE D 77 11.09 33.07 -15.02
N ASN D 78 12.25 32.59 -14.60
CA ASN D 78 12.78 31.35 -15.15
C ASN D 78 12.01 30.15 -14.62
N SER D 79 11.35 30.29 -13.47
CA SER D 79 10.60 29.17 -12.92
C SER D 79 9.14 29.22 -13.35
N CYS D 80 8.62 30.40 -13.68
CA CYS D 80 7.28 30.48 -14.24
C CYS D 80 7.25 30.11 -15.71
N ILE D 81 8.40 30.07 -16.37
CA ILE D 81 8.46 29.56 -17.73
C ILE D 81 8.53 28.04 -17.73
N THR D 82 9.37 27.47 -16.86
CA THR D 82 9.59 26.03 -16.85
C THR D 82 8.38 25.28 -16.32
N ASP D 83 7.56 25.92 -15.49
CA ASP D 83 6.40 25.24 -14.92
C ASP D 83 5.21 25.25 -15.86
N TYR D 84 4.96 26.37 -16.54
CA TYR D 84 3.73 26.54 -17.30
C TYR D 84 3.94 26.42 -18.81
N ILE D 85 4.94 27.09 -19.37
CA ILE D 85 5.27 26.90 -20.80
C ILE D 85 6.33 25.81 -20.84
N SER D 86 5.87 24.57 -20.78
CA SER D 86 6.78 23.44 -20.78
C SER D 86 7.20 23.11 -22.20
N GLY D 87 8.12 22.16 -22.35
CA GLY D 87 8.56 21.74 -23.66
C GLY D 87 7.80 20.51 -24.16
N ARG D 88 7.11 19.81 -23.25
CA ARG D 88 6.20 18.74 -23.64
C ARG D 88 5.06 19.28 -24.49
N VAL D 89 4.40 20.33 -24.01
CA VAL D 89 3.19 20.79 -24.66
C VAL D 89 3.47 21.70 -25.84
N TYR D 90 4.40 22.65 -25.71
CA TYR D 90 4.55 23.71 -26.69
C TYR D 90 5.77 23.55 -27.59
N GLY D 91 6.83 22.92 -27.13
CA GLY D 91 7.94 22.63 -28.02
C GLY D 91 8.88 23.80 -28.14
N VAL D 92 8.91 24.40 -29.33
CA VAL D 92 9.90 25.43 -29.60
C VAL D 92 9.45 26.77 -29.04
N TRP D 93 8.20 26.87 -28.61
CA TRP D 93 7.70 28.09 -27.99
C TRP D 93 8.04 28.16 -26.51
N HIS D 94 8.81 27.19 -26.01
CA HIS D 94 9.42 27.28 -24.70
C HIS D 94 10.73 28.03 -24.74
N LYS D 95 11.53 27.84 -25.79
CA LYS D 95 12.78 28.57 -25.96
C LYS D 95 12.62 29.86 -26.74
N TYR D 96 11.39 30.22 -27.14
CA TYR D 96 11.16 31.55 -27.67
C TYR D 96 10.79 32.53 -26.57
N ALA D 97 10.10 32.06 -25.53
CA ALA D 97 9.82 32.89 -24.37
C ALA D 97 11.04 33.00 -23.46
N MET D 98 12.00 32.09 -23.59
CA MET D 98 13.27 32.24 -22.91
C MET D 98 14.20 33.23 -23.61
N TYR D 99 14.05 33.39 -24.91
CA TYR D 99 14.82 34.40 -25.64
C TYR D 99 14.28 35.80 -25.44
N MET D 100 12.97 35.94 -25.25
CA MET D 100 12.36 37.23 -24.95
C MET D 100 12.80 37.76 -23.59
N LEU D 101 13.07 36.88 -22.63
CA LEU D 101 13.69 37.26 -21.37
C LEU D 101 15.18 37.53 -21.51
N GLY D 102 15.77 37.19 -22.64
CA GLY D 102 17.17 37.49 -22.86
C GLY D 102 17.38 38.96 -23.16
N LEU D 103 16.79 39.45 -24.25
CA LEU D 103 16.84 40.87 -24.56
C LEU D 103 15.64 41.61 -23.97
N GLY D 104 15.35 41.33 -22.72
CA GLY D 104 14.40 42.10 -21.93
C GLY D 104 14.98 42.21 -20.55
N SER D 105 16.15 41.59 -20.38
CA SER D 105 16.93 41.68 -19.15
C SER D 105 18.34 42.17 -19.39
N ALA D 106 18.71 42.49 -20.63
CA ALA D 106 19.95 43.20 -20.90
C ALA D 106 19.70 44.64 -21.29
N VAL D 107 18.52 44.94 -21.84
CA VAL D 107 18.07 46.32 -21.95
C VAL D 107 17.66 46.83 -20.58
N SER D 108 17.19 45.95 -19.70
CA SER D 108 16.91 46.33 -18.32
C SER D 108 18.18 46.46 -17.50
N LEU D 109 19.32 46.02 -18.04
CA LEU D 109 20.60 46.31 -17.41
C LEU D 109 21.18 47.62 -17.92
N PHE D 110 20.76 48.06 -19.11
CA PHE D 110 21.16 49.37 -19.61
C PHE D 110 20.45 50.47 -18.85
N GLY D 111 19.21 50.21 -18.40
CA GLY D 111 18.47 51.18 -17.62
C GLY D 111 19.07 51.46 -16.26
N ILE D 112 19.77 50.50 -15.67
CA ILE D 112 20.54 50.75 -14.46
C ILE D 112 21.76 51.60 -14.75
N TYR D 113 22.33 51.51 -15.96
CA TYR D 113 23.46 52.35 -16.33
C TYR D 113 23.05 53.80 -16.57
N LYS D 114 21.81 54.02 -17.01
CA LYS D 114 21.27 55.36 -17.18
C LYS D 114 20.52 55.85 -15.95
N LEU D 115 20.72 55.20 -14.80
CA LEU D 115 20.11 55.63 -13.55
C LEU D 115 21.11 55.97 -12.46
N GLU D 116 22.31 55.40 -12.51
CA GLU D 116 23.34 55.66 -11.51
C GLU D 116 24.36 56.69 -11.96
N THR D 117 24.35 57.07 -13.23
CA THR D 117 25.24 58.10 -13.75
C THR D 117 24.53 59.41 -14.04
N GLU D 118 23.24 59.39 -14.36
CA GLU D 118 22.50 60.61 -14.62
C GLU D 118 21.67 61.01 -13.40
N ASN D 119 20.79 60.12 -12.97
CA ASN D 119 19.86 60.38 -11.89
C ASN D 119 20.47 59.93 -10.56
N ASP D 120 19.65 59.84 -9.51
CA ASP D 120 20.17 59.56 -8.17
C ASP D 120 20.25 58.07 -7.89
N GLY D 121 19.31 57.30 -8.39
CA GLY D 121 19.36 55.85 -8.23
C GLY D 121 18.01 55.21 -8.41
N VAL D 122 18.01 53.88 -8.32
CA VAL D 122 16.77 53.11 -8.44
C VAL D 122 15.88 53.35 -7.24
N VAL D 123 16.47 53.27 -6.04
CA VAL D 123 15.70 53.48 -4.81
C VAL D 123 15.34 54.95 -4.64
N GLY D 124 16.06 55.84 -5.33
CA GLY D 124 15.65 57.23 -5.37
C GLY D 124 14.41 57.44 -6.23
N LEU D 125 14.22 56.57 -7.22
CA LEU D 125 13.02 56.65 -8.04
C LEU D 125 11.80 56.15 -7.27
N VAL D 126 11.98 55.08 -6.49
CA VAL D 126 10.87 54.51 -5.73
C VAL D 126 10.46 55.46 -4.60
N LYS D 127 11.43 56.14 -4.01
CA LYS D 127 11.03 57.12 -2.96
C LYS D 127 10.29 58.28 -3.63
N SER D 128 10.52 58.52 -4.94
CA SER D 128 9.97 59.72 -5.61
C SER D 128 8.47 59.57 -5.86
N LEU D 129 8.04 58.39 -6.31
CA LEU D 129 6.58 58.15 -6.47
C LEU D 129 6.00 57.88 -5.08
N TRP D 130 6.84 57.94 -4.04
CA TRP D 130 6.39 57.80 -2.64
C TRP D 130 5.90 56.39 -2.35
N ASP D 131 5.71 56.05 -1.08
CA ASP D 131 5.11 54.74 -0.72
C ASP D 131 5.14 54.55 0.80
PA FAD E . -1.71 -13.44 0.32
O1A FAD E . -0.70 -12.69 1.12
O2A FAD E . -3.14 -13.30 0.70
O5B FAD E . -1.54 -13.11 -1.23
C5B FAD E . -2.36 -13.80 -2.19
C4B FAD E . -2.45 -13.04 -3.48
O4B FAD E . -3.22 -13.81 -4.42
C3B FAD E . -3.18 -11.70 -3.43
O3B FAD E . -2.26 -10.61 -3.34
C2B FAD E . -3.95 -11.61 -4.74
O2B FAD E . -3.45 -10.57 -5.56
C1B FAD E . -3.74 -12.96 -5.41
N9A FAD E . -5.00 -13.52 -5.85
C8A FAD E . -5.97 -14.06 -5.06
N7A FAD E . -7.00 -14.48 -5.74
C5A FAD E . -6.68 -14.22 -7.06
C6A FAD E . -7.36 -14.43 -8.26
N6A FAD E . -8.56 -15.00 -8.34
N1A FAD E . -6.75 -14.05 -9.40
C2A FAD E . -5.55 -13.48 -9.33
N3A FAD E . -4.81 -13.23 -8.25
C4A FAD E . -5.44 -13.63 -7.14
N1 FAD E . 1.42 -15.03 10.20
C2 FAD E . 2.49 -15.08 11.01
O2 FAD E . 3.34 -15.95 10.89
N3 FAD E . 2.68 -14.17 11.99
C4 FAD E . 1.79 -13.15 12.21
O4 FAD E . 2.00 -12.35 13.12
C4X FAD E . 0.65 -13.06 11.38
N5 FAD E . -0.22 -12.09 11.59
C5X FAD E . -1.30 -12.04 10.74
C6 FAD E . -2.24 -11.01 10.93
C7 FAD E . -3.35 -10.91 10.12
C7M FAD E . -4.34 -9.78 10.35
C8 FAD E . -3.56 -11.84 9.10
C8M FAD E . -4.77 -11.74 8.21
C9 FAD E . -2.64 -12.86 8.91
C9A FAD E . -1.50 -12.97 9.72
N10 FAD E . -0.57 -13.98 9.55
C10 FAD E . 0.55 -14.07 10.37
C1' FAD E . -0.76 -14.98 8.47
C2' FAD E . 0.00 -14.64 7.22
O2' FAD E . 0.10 -13.24 7.08
C3' FAD E . -0.71 -15.18 5.98
O3' FAD E . -1.07 -16.52 6.19
C4' FAD E . 0.18 -15.09 4.75
O4' FAD E . 0.81 -13.80 4.76
C5' FAD E . -0.59 -15.27 3.46
O5' FAD E . 0.30 -15.01 2.33
P FAD E . 0.01 -15.73 0.93
O1P FAD E . 1.11 -15.42 -0.02
O2P FAD E . -0.28 -17.15 1.22
O3P FAD E . -1.32 -14.99 0.43
FE1 FES F . -8.64 1.87 3.84
FE2 FES F . -7.05 -0.85 3.60
S1 FES F . -9.03 -0.11 2.91
S2 FES F . -6.55 1.24 4.19
FE1 SF4 G . 2.74 9.39 0.43
FE2 SF4 G . 2.94 7.17 1.91
FE3 SF4 G . 2.35 9.51 3.07
FE4 SF4 G . 0.57 8.31 1.49
S1 SF4 G . 1.35 7.55 3.45
S2 SF4 G . 1.10 10.46 1.48
S3 SF4 G . 1.89 7.38 -0.04
S4 SF4 G . 4.26 8.97 2.04
FE1 F3S H . 5.20 18.79 -0.90
FE3 F3S H . 7.14 19.89 -2.26
FE4 F3S H . 4.78 19.62 -3.27
S1 F3S H . 6.67 20.29 -0.08
S2 F3S H . 3.40 19.97 -1.51
S3 F3S H . 6.16 17.91 -2.74
S4 F3S H . 6.15 21.39 -3.64
C11 A1EE4 I . -1.52 27.98 -8.23
C12 A1EE4 I . -1.73 29.50 -8.21
C13 A1EE4 I . -2.70 27.24 -7.63
C14 A1EE4 I . -0.86 30.22 -9.21
C15 A1EE4 I . 0.82 27.28 -8.11
C16 A1EE4 I . 2.12 27.32 -7.42
C17 A1EE4 I . -0.99 29.96 -10.56
C18 A1EE4 I . 0.11 31.16 -8.84
C19 A1EE4 I . 3.20 26.45 -7.65
C20 A1EE4 I . 2.54 28.20 -6.45
C21 A1EE4 I . -0.21 30.59 -11.52
C22 A1EE4 I . 0.90 31.81 -9.77
C23 A1EE4 I . 3.30 25.31 -8.59
C24 A1EE4 I . 0.72 31.52 -11.10
C25 A1EE4 I . -0.36 26.66 -5.42
C26 A1EE4 I . 4.68 28.47 -5.18
F04 A1EE4 I . 2.58 25.58 -9.70
F05 A1EE4 I . 4.60 25.19 -9.03
N08 A1EE4 I . -0.27 27.69 -7.49
N09 A1EE4 I . 3.79 27.85 -6.16
N10 A1EE4 I . 4.22 26.78 -6.87
O06 A1EE4 I . -0.30 27.91 -6.12
O07 A1EE4 I . 0.77 26.89 -9.28
CL01 A1EE4 I . -2.18 28.80 -11.11
CL02 A1EE4 I . 0.35 31.55 -7.16
CL03 A1EE4 I . 1.71 32.33 -12.27
C27 PEE J . 12.95 40.47 -1.27
C26 PEE J . 12.86 41.99 -1.29
C25 PEE J . 12.67 42.48 -2.75
C24 PEE J . 11.34 41.90 -3.31
C23 PEE J . 11.37 41.95 -4.85
C22 PEE J . 11.96 43.32 -5.30
C21 PEE J . 11.32 43.76 -6.64
C20 PEE J . 11.43 45.32 -6.77
C19 PEE J . 11.41 45.94 -5.34
C18 PEE J . 11.74 47.45 -5.39
C17 PEE J . 11.46 48.07 -3.99
C16 PEE J . 12.80 48.42 -3.29
C15 PEE J . 12.55 48.73 -1.79
C14 PEE J . 12.94 50.21 -1.47
C13 PEE J . 12.15 50.67 -0.20
C12 PEE J . 12.50 52.15 0.14
C11 PEE J . 12.42 52.35 1.69
C10 PEE J . 11.27 53.37 2.04
O4 PEE J . 10.44 53.08 2.83
O2 PEE J . 11.22 54.66 1.42
C2 PEE J . 10.30 55.54 1.97
C1 PEE J . 10.99 56.82 2.41
O3P PEE J . 11.34 56.73 3.78
P PEE J . 12.95 56.75 4.14
O2P PEE J . 13.71 56.04 3.04
O1P PEE J . 13.41 58.17 4.23
O4P PEE J . 13.22 55.94 5.57
C4 PEE J . 13.41 56.70 6.76
C5 PEE J . 13.93 55.77 7.87
N PEE J . 13.21 56.04 9.12
C3 PEE J . 9.28 55.90 0.92
O3 PEE J . 8.19 54.99 1.01
C30 PEE J . 8.52 53.67 0.60
O5 PEE J . 9.33 53.48 -0.24
C31 PEE J . 7.82 52.46 1.29
C32 PEE J . 8.44 51.15 0.75
C33 PEE J . 7.52 50.63 -0.38
C34 PEE J . 8.19 50.95 -1.74
C35 PEE J . 8.55 49.60 -2.40
C36 PEE J . 7.37 48.61 -2.10
C37 PEE J . 6.28 48.78 -3.19
C38 PEE J . 6.98 48.88 -4.57
C39 PEE J . 7.66 47.51 -4.90
C40 PEE J . 8.09 47.55 -6.38
C41 PEE J . 6.94 48.24 -7.16
C42 PEE J . 7.50 48.76 -8.52
C43 PEE J . 8.78 49.58 -8.26
C44 PEE J . 8.54 51.05 -8.72
C45 PEE J . 7.04 51.41 -8.56
C46 PEE J . 6.79 52.03 -7.18
C47 PEE J . 5.29 52.22 -6.96
#